data_1XMM
#
_entry.id   1XMM
#
_cell.length_a   100.928
_cell.length_b   105.140
_cell.length_c   138.647
_cell.angle_alpha   90.00
_cell.angle_beta   90.00
_cell.angle_gamma   90.00
#
_symmetry.space_group_name_H-M   'P 21 21 21'
#
loop_
_entity.id
_entity.type
_entity.pdbx_description
1 polymer 'heat shock-like protein 1'
2 non-polymer 'PHOSPHATE ION'
3 non-polymer "N7-METHYL-GUANOSINE-5'-MONOPHOSPHATE"
4 non-polymer "7N-METHYL-8-HYDROGUANOSINE-5'-DIPHOSPHATE"
5 water water
#
_entity_poly.entity_id   1
_entity_poly.type   'polypeptide(L)'
_entity_poly.pdbx_seq_one_letter_code
;GPLGSMADAAPQLGKRKRELDVEEAHAASTEEKEAGVGNGTCAPVRLPFSGFRLQKVLRESARDKIIFLHGKVNEASGDG
DGEDAVVILEKTPFQVEQVAQLLTGSPELQLQFSNDIYSTYHLFPPRQLNDVKTTVVYPATEKHLQKYLRQDLRLIRETG
DDYRNITLPHLESQSLSIQWVYNILDKKAEADRIVFENPDPSDGFVLIPDLKWNQQQLDDLYLIAICHRRGIRSLRDLTP
EHLPLLRNILHQGQEAILQRYRMKGDHLRVYLHYLPSYYHLHVHFTALGFEAPGSGVERAHLLAEVIENLECDPRHYQQR
TLTFALRADDPLLKLLQEAQQS
;
_entity_poly.pdbx_strand_id   B,A,C,D
#
loop_
_chem_comp.id
_chem_comp.type
_chem_comp.name
_chem_comp.formula
G7M RNA linking N7-METHYL-GUANOSINE-5'-MONOPHOSPHATE 'C11 H17 N5 O8 P 1'
M7G non-polymer 7N-METHYL-8-HYDROGUANOSINE-5'-DIPHOSPHATE 'C11 H18 N5 O11 P2 1'
PO4 non-polymer 'PHOSPHATE ION' 'O4 P -3'
#
# COMPACT_ATOMS: atom_id res chain seq x y z
N VAL A 45 -26.05 29.03 32.36
CA VAL A 45 -26.10 29.96 31.20
C VAL A 45 -25.19 31.18 31.43
N ARG A 46 -24.00 30.94 31.99
CA ARG A 46 -23.07 32.02 32.34
C ARG A 46 -21.60 31.52 32.41
N LEU A 47 -20.66 32.44 32.18
CA LEU A 47 -19.24 32.11 32.31
C LEU A 47 -18.90 31.74 33.75
N PRO A 48 -17.91 30.87 33.95
CA PRO A 48 -17.48 30.49 35.31
C PRO A 48 -16.67 31.60 36.03
N PHE A 49 -16.59 32.79 35.44
CA PHE A 49 -15.93 33.93 36.05
C PHE A 49 -16.63 35.25 35.68
N SER A 50 -16.30 36.30 36.44
CA SER A 50 -16.87 37.63 36.25
C SER A 50 -15.87 38.54 35.55
N GLY A 51 -16.29 39.20 34.46
CA GLY A 51 -15.45 40.12 33.72
C GLY A 51 -14.35 39.43 32.92
N PHE A 52 -13.88 40.10 31.87
CA PHE A 52 -12.87 39.51 30.99
C PHE A 52 -12.04 40.59 30.31
N ARG A 53 -10.80 40.76 30.78
CA ARG A 53 -9.84 41.67 30.17
C ARG A 53 -8.91 40.88 29.26
N LEU A 54 -8.90 41.21 27.97
CA LEU A 54 -7.98 40.58 27.03
C LEU A 54 -6.53 40.98 27.32
N GLN A 55 -5.68 39.99 27.60
CA GLN A 55 -4.25 40.22 27.80
C GLN A 55 -3.42 39.92 26.54
N LYS A 56 -3.80 38.90 25.79
CA LYS A 56 -3.02 38.46 24.64
C LYS A 56 -3.80 37.48 23.77
N VAL A 57 -3.71 37.64 22.45
CA VAL A 57 -4.14 36.62 21.52
C VAL A 57 -3.02 35.58 21.43
N LEU A 58 -3.28 34.40 22.00
CA LEU A 58 -2.30 33.32 22.03
C LEU A 58 -2.06 32.78 20.63
N ARG A 59 -3.12 32.67 19.86
CA ARG A 59 -3.07 32.09 18.52
C ARG A 59 -4.39 32.29 17.78
N GLU A 60 -4.30 32.56 16.49
CA GLU A 60 -5.47 32.57 15.60
C GLU A 60 -5.19 31.92 14.25
N SER A 61 -6.24 31.39 13.63
CA SER A 61 -6.18 30.85 12.28
C SER A 61 -7.45 31.25 11.52
N ALA A 62 -7.31 32.20 10.60
CA ALA A 62 -8.42 32.65 9.76
C ALA A 62 -8.92 31.53 8.85
N ARG A 63 -8.04 30.60 8.50
CA ARG A 63 -8.40 29.44 7.70
C ARG A 63 -9.45 28.57 8.41
N ASP A 64 -9.20 28.27 9.69
CA ASP A 64 -10.07 27.42 10.50
C ASP A 64 -11.13 28.26 11.25
N LYS A 65 -11.12 29.58 11.03
CA LYS A 65 -12.03 30.53 11.67
C LYS A 65 -12.07 30.35 13.21
N ILE A 66 -10.91 30.42 13.85
CA ILE A 66 -10.76 30.14 15.27
C ILE A 66 -9.78 31.09 15.98
N ILE A 67 -10.01 31.35 17.27
CA ILE A 67 -9.11 32.17 18.07
C ILE A 67 -8.95 31.59 19.47
N PHE A 68 -7.77 31.80 20.04
CA PHE A 68 -7.45 31.37 21.38
C PHE A 68 -7.09 32.62 22.16
N LEU A 69 -7.91 32.96 23.16
CA LEU A 69 -7.74 34.17 23.94
C LEU A 69 -7.24 33.84 25.34
N HIS A 70 -6.29 34.64 25.80
CA HIS A 70 -5.85 34.63 27.20
C HIS A 70 -6.36 35.94 27.79
N GLY A 71 -7.24 35.84 28.79
CA GLY A 71 -7.72 37.00 29.49
C GLY A 71 -7.65 36.83 30.99
N LYS A 72 -7.36 37.92 31.70
CA LYS A 72 -7.41 37.91 33.15
C LYS A 72 -8.87 38.01 33.58
N VAL A 73 -9.19 37.34 34.68
CA VAL A 73 -10.54 37.32 35.24
C VAL A 73 -10.49 37.69 36.72
N ASN A 74 -11.53 38.39 37.19
CA ASN A 74 -11.62 38.85 38.58
C ASN A 74 -10.50 39.81 38.96
N ASP A 84 -6.37 34.10 35.52
CA ASP A 84 -5.88 33.49 34.29
C ASP A 84 -6.89 32.50 33.70
N ALA A 85 -7.26 32.70 32.43
CA ALA A 85 -8.27 31.87 31.77
C ALA A 85 -8.19 31.96 30.24
N VAL A 86 -8.30 30.80 29.58
CA VAL A 86 -8.29 30.76 28.12
C VAL A 86 -9.72 30.59 27.59
N VAL A 87 -10.16 31.52 26.74
CA VAL A 87 -11.40 31.37 26.00
C VAL A 87 -11.04 30.99 24.56
N ILE A 88 -11.81 30.09 23.96
CA ILE A 88 -11.58 29.68 22.57
C ILE A 88 -12.89 29.80 21.80
N LEU A 89 -12.89 30.65 20.76
CA LEU A 89 -14.08 30.86 19.92
C LEU A 89 -13.86 30.25 18.54
N GLU A 90 -14.85 29.49 18.06
CA GLU A 90 -14.75 28.81 16.77
C GLU A 90 -16.10 28.87 16.08
N LYS A 91 -16.10 29.31 14.83
CA LYS A 91 -17.31 29.34 14.03
C LYS A 91 -17.71 27.90 13.70
N THR A 92 -19.00 27.68 13.42
CA THR A 92 -19.54 26.35 13.19
C THR A 92 -19.76 26.05 11.72
N PRO A 93 -19.82 24.77 11.38
CA PRO A 93 -20.26 24.32 10.05
C PRO A 93 -21.66 24.79 9.72
N PHE A 94 -21.93 25.02 8.44
CA PHE A 94 -23.28 25.29 7.98
C PHE A 94 -24.11 24.00 7.92
N GLN A 95 -25.42 24.14 8.09
CA GLN A 95 -26.37 23.08 7.80
C GLN A 95 -27.06 23.41 6.49
N VAL A 96 -27.14 22.43 5.58
CA VAL A 96 -27.57 22.69 4.21
C VAL A 96 -28.99 23.24 4.16
N GLU A 97 -29.90 22.61 4.91
CA GLU A 97 -31.31 22.97 4.82
C GLU A 97 -31.61 24.39 5.31
N GLN A 98 -30.98 24.81 6.40
CA GLN A 98 -31.13 26.17 6.94
C GLN A 98 -30.67 27.26 5.94
N VAL A 99 -29.55 26.99 5.28
CA VAL A 99 -28.96 27.92 4.30
C VAL A 99 -29.82 28.00 3.06
N ALA A 100 -30.28 26.83 2.59
CA ALA A 100 -31.16 26.73 1.43
C ALA A 100 -32.49 27.40 1.66
N GLN A 101 -32.98 27.30 2.88
CA GLN A 101 -34.25 27.92 3.24
C GLN A 101 -34.08 29.43 3.21
N LEU A 102 -33.00 29.92 3.81
CA LEU A 102 -32.66 31.33 3.83
C LEU A 102 -32.54 31.95 2.43
N LEU A 103 -32.08 31.16 1.47
CA LEU A 103 -31.78 31.67 0.13
C LEU A 103 -33.00 31.73 -0.80
N THR A 104 -34.09 31.07 -0.44
CA THR A 104 -35.37 31.23 -1.13
C THR A 104 -36.09 32.52 -0.72
N GLY A 105 -35.56 33.22 0.29
CA GLY A 105 -36.20 34.38 0.87
C GLY A 105 -35.53 35.71 0.55
N SER A 106 -35.34 36.52 1.59
CA SER A 106 -34.76 37.86 1.45
C SER A 106 -33.69 38.05 2.52
N PRO A 107 -32.53 37.41 2.34
CA PRO A 107 -31.45 37.54 3.32
C PRO A 107 -30.93 38.97 3.45
N GLU A 108 -30.56 39.34 4.66
CA GLU A 108 -30.01 40.66 4.96
C GLU A 108 -28.58 40.74 4.43
N LEU A 109 -28.41 41.45 3.32
CA LEU A 109 -27.14 41.48 2.61
C LEU A 109 -26.61 42.90 2.46
N GLN A 110 -25.30 43.02 2.41
CA GLN A 110 -24.64 44.29 2.15
C GLN A 110 -23.53 44.05 1.10
N LEU A 111 -23.62 44.74 -0.03
CA LEU A 111 -22.76 44.49 -1.18
C LEU A 111 -21.32 44.88 -0.90
N GLN A 112 -20.39 43.96 -1.16
CA GLN A 112 -18.96 44.27 -1.12
C GLN A 112 -18.47 44.69 -2.50
N PHE A 113 -18.70 43.84 -3.50
CA PHE A 113 -18.46 44.24 -4.90
C PHE A 113 -19.15 43.32 -5.94
N SER A 114 -19.19 43.82 -7.17
CA SER A 114 -19.81 43.13 -8.28
C SER A 114 -18.87 43.27 -9.49
N ASN A 115 -18.56 42.15 -10.16
CA ASN A 115 -17.79 42.13 -11.41
C ASN A 115 -18.35 41.08 -12.34
N ASP A 116 -18.93 41.51 -13.46
CA ASP A 116 -19.48 40.59 -14.45
C ASP A 116 -20.45 39.63 -13.75
N ILE A 117 -20.22 38.33 -13.84
CA ILE A 117 -21.12 37.34 -13.27
C ILE A 117 -20.88 37.09 -11.78
N TYR A 118 -19.79 37.64 -11.24
CA TYR A 118 -19.45 37.41 -9.83
C TYR A 118 -19.88 38.54 -8.91
N SER A 119 -20.19 38.21 -7.67
CA SER A 119 -20.51 39.21 -6.66
C SER A 119 -20.35 38.65 -5.25
N THR A 120 -19.94 39.51 -4.31
CA THR A 120 -19.78 39.12 -2.92
C THR A 120 -20.49 40.09 -1.98
N TYR A 121 -20.87 39.55 -0.83
CA TYR A 121 -21.68 40.27 0.14
C TYR A 121 -21.30 39.90 1.57
N HIS A 122 -21.67 40.79 2.49
CA HIS A 122 -21.72 40.46 3.90
C HIS A 122 -23.15 40.08 4.25
N LEU A 123 -23.34 38.84 4.68
CA LEU A 123 -24.64 38.31 5.05
C LEU A 123 -24.74 38.28 6.56
N PHE A 124 -25.86 38.77 7.09
CA PHE A 124 -26.12 38.75 8.52
C PHE A 124 -27.35 37.87 8.77
N PRO A 125 -27.12 36.60 9.06
CA PRO A 125 -28.21 35.63 9.13
C PRO A 125 -28.87 35.56 10.49
N PRO A 126 -30.04 34.90 10.58
CA PRO A 126 -30.71 34.68 11.86
C PRO A 126 -29.89 33.83 12.84
N ARG A 127 -30.27 33.89 14.12
CA ARG A 127 -29.66 33.13 15.22
C ARG A 127 -29.19 31.70 14.87
N GLN A 128 -29.99 30.96 14.10
CA GLN A 128 -29.76 29.51 13.92
C GLN A 128 -28.41 29.17 13.28
N LEU A 129 -27.91 30.06 12.43
CA LEU A 129 -26.64 29.83 11.72
C LEU A 129 -25.41 30.41 12.43
N ASN A 130 -25.62 31.23 13.45
CA ASN A 130 -24.56 32.04 14.05
C ASN A 130 -23.80 31.39 15.22
N ASP A 131 -24.12 30.13 15.51
CA ASP A 131 -23.58 29.41 16.67
C ASP A 131 -22.04 29.40 16.70
N VAL A 132 -21.47 29.92 17.79
CA VAL A 132 -20.02 29.94 18.01
C VAL A 132 -19.67 28.96 19.13
N LYS A 133 -18.89 27.94 18.81
CA LYS A 133 -18.40 26.98 19.80
C LYS A 133 -17.39 27.67 20.70
N THR A 134 -17.73 27.77 21.98
CA THR A 134 -16.93 28.50 22.96
C THR A 134 -16.38 27.54 24.02
N THR A 135 -15.07 27.34 24.04
CA THR A 135 -14.43 26.47 25.02
C THR A 135 -13.60 27.28 26.01
N VAL A 136 -14.08 27.35 27.26
CA VAL A 136 -13.40 28.06 28.34
C VAL A 136 -12.48 27.11 29.14
N VAL A 137 -11.42 27.67 29.69
CA VAL A 137 -10.43 26.92 30.47
C VAL A 137 -10.10 27.76 31.70
N TYR A 138 -10.63 27.38 32.86
CA TYR A 138 -10.44 28.12 34.11
C TYR A 138 -10.31 27.17 35.31
N PRO A 139 -9.23 27.25 36.09
CA PRO A 139 -8.11 28.19 35.88
C PRO A 139 -7.11 27.70 34.84
N ALA A 140 -6.18 28.58 34.50
CA ALA A 140 -5.16 28.30 33.50
C ALA A 140 -3.77 28.44 34.11
N THR A 141 -3.04 27.32 34.16
CA THR A 141 -1.64 27.33 34.55
C THR A 141 -0.79 27.95 33.44
N GLU A 142 0.45 28.32 33.76
CA GLU A 142 1.37 28.87 32.77
C GLU A 142 1.71 27.87 31.66
N LYS A 143 1.61 26.58 31.95
CA LYS A 143 1.83 25.53 30.95
C LYS A 143 0.68 25.41 29.94
N HIS A 144 -0.53 25.79 30.34
CA HIS A 144 -1.68 25.87 29.42
C HIS A 144 -1.49 27.07 28.47
N LEU A 145 -1.07 28.20 29.01
CA LEU A 145 -0.85 29.42 28.23
C LEU A 145 0.31 29.27 27.25
N GLN A 146 1.28 28.43 27.61
CA GLN A 146 2.47 28.19 26.80
C GLN A 146 2.17 27.29 25.60
N LYS A 147 1.32 26.28 25.82
CA LYS A 147 0.98 25.32 24.77
C LYS A 147 -0.03 25.86 23.73
N TYR A 148 -0.61 27.03 24.00
CA TYR A 148 -1.49 27.70 23.04
C TYR A 148 -0.78 28.83 22.31
N LEU A 149 0.23 29.42 22.94
CA LEU A 149 1.01 30.51 22.36
C LEU A 149 1.69 30.09 21.05
N ARG A 150 1.56 30.95 20.04
CA ARG A 150 2.16 30.72 18.73
C ARG A 150 2.69 32.04 18.19
N GLN A 151 3.93 32.02 17.72
CA GLN A 151 4.62 33.24 17.33
C GLN A 151 4.27 33.62 15.90
N ASP A 152 4.21 34.92 15.62
CA ASP A 152 4.09 35.43 14.26
C ASP A 152 5.30 34.93 13.46
N LEU A 153 5.07 34.55 12.20
CA LEU A 153 6.16 34.13 11.32
C LEU A 153 6.56 35.25 10.36
N ARG A 154 7.83 35.26 9.96
CA ARG A 154 8.38 36.22 9.00
C ARG A 154 9.17 35.49 7.91
N LEU A 155 9.13 36.01 6.69
CA LEU A 155 9.78 35.38 5.54
C LEU A 155 11.22 35.83 5.48
N ILE A 156 12.09 34.93 5.04
CA ILE A 156 13.50 35.23 4.87
C ILE A 156 13.98 34.54 3.59
N ARG A 157 14.83 35.22 2.83
CA ARG A 157 15.33 34.73 1.56
C ARG A 157 16.83 34.55 1.70
N GLU A 158 17.24 33.31 1.90
CA GLU A 158 18.61 32.95 2.29
C GLU A 158 19.42 32.59 1.06
N THR A 159 20.33 33.47 0.66
CA THR A 159 21.23 33.16 -0.44
C THR A 159 22.18 32.08 0.02
N GLY A 160 22.84 31.46 -0.95
CA GLY A 160 23.85 30.45 -0.65
C GLY A 160 24.91 30.94 0.31
N ASP A 161 25.37 32.17 0.12
CA ASP A 161 26.38 32.78 0.98
C ASP A 161 25.86 32.99 2.40
N ASP A 162 24.60 33.40 2.52
CA ASP A 162 23.98 33.58 3.83
C ASP A 162 23.98 32.28 4.61
N TYR A 163 23.78 31.17 3.93
CA TYR A 163 23.76 29.87 4.58
C TYR A 163 25.15 29.58 5.15
N ARG A 164 26.20 29.70 4.33
CA ARG A 164 27.56 29.40 4.78
C ARG A 164 28.08 30.34 5.87
N ASN A 165 27.64 31.60 5.85
CA ASN A 165 28.18 32.64 6.75
C ASN A 165 27.39 32.84 8.03
N ILE A 166 26.06 32.66 7.98
CA ILE A 166 25.21 32.96 9.11
C ILE A 166 24.48 31.72 9.65
N THR A 167 23.71 31.06 8.79
CA THR A 167 22.81 30.00 9.22
C THR A 167 23.56 28.77 9.69
N LEU A 168 24.48 28.29 8.86
CA LEU A 168 25.29 27.12 9.20
C LEU A 168 26.09 27.32 10.49
N PRO A 169 26.95 28.35 10.60
CA PRO A 169 27.61 28.66 11.88
C PRO A 169 26.67 28.73 13.07
N HIS A 170 25.53 29.40 12.93
CA HIS A 170 24.56 29.49 14.03
C HIS A 170 24.04 28.09 14.42
N LEU A 171 23.82 27.25 13.42
CA LEU A 171 23.36 25.89 13.63
C LEU A 171 24.43 25.04 14.35
N GLU A 172 25.69 25.22 13.97
CA GLU A 172 26.80 24.48 14.60
C GLU A 172 27.01 24.93 16.05
N SER A 173 26.63 26.17 16.38
CA SER A 173 26.79 26.71 17.74
C SER A 173 25.75 26.15 18.72
N GLN A 174 24.56 25.84 18.24
CA GLN A 174 23.62 25.02 19.01
C GLN A 174 24.15 23.59 18.91
N SER A 175 23.68 22.70 19.76
CA SER A 175 24.05 21.31 19.64
C SER A 175 22.78 20.48 19.68
N LEU A 176 22.07 20.51 18.55
CA LEU A 176 20.85 19.74 18.39
C LEU A 176 21.21 18.26 18.49
N SER A 177 20.75 17.62 19.57
CA SER A 177 20.87 16.18 19.70
C SER A 177 19.78 15.51 18.87
N ILE A 178 20.22 14.65 17.95
CA ILE A 178 19.33 13.82 17.13
C ILE A 178 19.60 12.35 17.46
N GLN A 179 19.90 12.10 18.73
CA GLN A 179 20.15 10.74 19.22
C GLN A 179 18.92 9.86 18.97
N TRP A 180 17.73 10.42 19.13
CA TRP A 180 16.49 9.69 18.91
C TRP A 180 16.40 9.10 17.49
N VAL A 181 16.90 9.85 16.50
CA VAL A 181 16.92 9.43 15.09
C VAL A 181 17.81 8.22 14.88
N TYR A 182 18.99 8.23 15.49
CA TYR A 182 19.95 7.13 15.40
C TYR A 182 19.39 5.88 16.08
N ASN A 183 18.62 6.07 17.16
CA ASN A 183 18.00 4.95 17.86
C ASN A 183 16.97 4.26 16.95
N ILE A 184 16.27 5.04 16.12
CA ILE A 184 15.37 4.46 15.12
C ILE A 184 16.17 3.75 14.03
N LEU A 185 17.26 4.38 13.59
CA LEU A 185 18.07 3.85 12.50
C LEU A 185 18.73 2.50 12.83
N ASP A 186 19.19 2.30 14.06
CA ASP A 186 19.74 0.99 14.45
C ASP A 186 18.78 0.19 15.33
N LYS A 187 17.50 0.56 15.30
CA LYS A 187 16.41 -0.23 15.85
C LYS A 187 16.43 -0.42 17.40
N LYS A 188 17.18 0.43 18.09
CA LYS A 188 17.07 0.54 19.55
C LYS A 188 15.68 1.07 19.96
N ALA A 189 15.09 1.91 19.13
CA ALA A 189 13.74 2.40 19.35
C ALA A 189 12.85 2.20 18.11
N GLU A 190 11.57 1.93 18.36
CA GLU A 190 10.50 2.01 17.36
C GLU A 190 10.56 1.03 16.20
N ALA A 191 11.17 -0.13 16.42
CA ALA A 191 11.32 -1.11 15.36
C ALA A 191 9.95 -1.68 14.93
N ASP A 192 9.03 -1.78 15.90
CA ASP A 192 7.67 -2.23 15.64
C ASP A 192 6.91 -1.35 14.65
N ARG A 193 7.40 -0.13 14.44
CA ARG A 193 6.70 0.86 13.62
C ARG A 193 7.24 0.92 12.21
N ILE A 194 8.36 0.27 11.96
CA ILE A 194 8.96 0.25 10.61
C ILE A 194 7.99 -0.39 9.61
N VAL A 195 7.62 0.37 8.60
CA VAL A 195 6.79 -0.08 7.49
C VAL A 195 7.64 -0.67 6.38
N PHE A 196 8.82 -0.08 6.15
CA PHE A 196 9.70 -0.47 5.07
C PHE A 196 11.11 0.03 5.36
N GLU A 197 12.11 -0.73 4.91
CA GLU A 197 13.51 -0.35 5.07
C GLU A 197 14.35 -0.83 3.90
N ASN A 198 15.05 0.12 3.25
CA ASN A 198 16.25 -0.20 2.48
C ASN A 198 17.42 -0.10 3.47
N PRO A 199 18.09 -1.21 3.80
CA PRO A 199 19.17 -1.20 4.80
C PRO A 199 20.52 -0.70 4.30
N ASP A 200 20.60 -0.29 3.03
CA ASP A 200 21.87 0.19 2.47
C ASP A 200 22.40 1.40 3.25
N PRO A 201 23.60 1.32 3.83
CA PRO A 201 24.12 2.40 4.68
C PRO A 201 24.30 3.74 3.96
N SER A 202 24.53 3.71 2.65
CA SER A 202 24.70 4.94 1.88
C SER A 202 23.39 5.45 1.25
N ASP A 203 22.64 4.54 0.62
CA ASP A 203 21.48 4.88 -0.24
C ASP A 203 20.15 4.41 0.32
N GLY A 204 20.15 3.90 1.54
CA GLY A 204 18.96 3.33 2.15
C GLY A 204 18.23 4.29 3.07
N PHE A 205 17.14 3.81 3.66
CA PHE A 205 16.28 4.62 4.51
C PHE A 205 15.32 3.74 5.30
N VAL A 206 14.66 4.35 6.28
CA VAL A 206 13.65 3.70 7.09
C VAL A 206 12.37 4.50 7.02
N LEU A 207 11.28 3.86 6.61
CA LEU A 207 9.96 4.47 6.50
C LEU A 207 9.11 4.14 7.72
N ILE A 208 8.64 5.18 8.41
CA ILE A 208 7.83 5.04 9.61
C ILE A 208 6.64 5.99 9.57
N PRO A 209 5.53 5.62 10.20
CA PRO A 209 4.37 6.52 10.24
C PRO A 209 4.65 7.65 11.19
N ASP A 210 4.24 8.85 10.81
CA ASP A 210 4.30 9.99 11.69
C ASP A 210 3.63 9.68 13.03
N LEU A 211 4.21 10.21 14.10
CA LEU A 211 3.75 9.90 15.45
C LEU A 211 2.27 10.24 15.70
N LYS A 212 1.76 11.27 15.04
CA LYS A 212 0.38 11.70 15.28
C LYS A 212 -0.66 10.98 14.41
N TRP A 213 -0.26 10.40 13.27
CA TRP A 213 -1.18 9.60 12.46
C TRP A 213 -1.53 8.27 13.14
N ASN A 214 -2.80 8.14 13.54
CA ASN A 214 -3.25 6.95 14.27
C ASN A 214 -3.46 5.70 13.40
N GLN A 215 -3.39 5.85 12.09
CA GLN A 215 -3.45 4.74 11.11
C GLN A 215 -4.84 4.13 10.86
N GLN A 216 -5.87 4.65 11.53
CA GLN A 216 -7.22 4.10 11.43
C GLN A 216 -8.00 4.55 10.18
N GLN A 217 -7.48 5.54 9.46
CA GLN A 217 -8.05 5.94 8.17
C GLN A 217 -6.96 6.40 7.19
N LEU A 218 -7.30 6.50 5.92
CA LEU A 218 -6.34 6.90 4.88
C LEU A 218 -6.43 8.38 4.49
N ASP A 219 -7.43 9.08 5.02
CA ASP A 219 -7.66 10.49 4.71
C ASP A 219 -6.43 11.32 5.02
N ASP A 220 -5.78 10.99 6.13
CA ASP A 220 -4.70 11.80 6.68
C ASP A 220 -3.40 11.00 6.80
N LEU A 221 -3.17 10.12 5.82
CA LEU A 221 -1.94 9.32 5.78
C LEU A 221 -0.70 10.22 5.84
N TYR A 222 0.20 9.88 6.75
CA TYR A 222 1.42 10.64 6.99
C TYR A 222 2.54 9.68 7.40
N LEU A 223 3.56 9.58 6.58
CA LEU A 223 4.77 8.81 6.89
C LEU A 223 6.00 9.66 6.68
N ILE A 224 7.08 9.34 7.39
CA ILE A 224 8.37 9.96 7.07
C ILE A 224 9.45 8.92 6.80
N ALA A 225 10.33 9.27 5.86
CA ALA A 225 11.49 8.45 5.50
C ALA A 225 12.72 9.12 6.08
N ILE A 226 13.47 8.39 6.91
CA ILE A 226 14.72 8.90 7.46
C ILE A 226 15.85 8.12 6.81
N CYS A 227 16.81 8.84 6.22
CA CYS A 227 17.92 8.18 5.55
C CYS A 227 18.90 7.60 6.57
N HIS A 228 19.49 6.45 6.24
CA HIS A 228 20.45 5.76 7.10
C HIS A 228 21.76 6.53 7.22
N ARG A 229 22.16 7.15 6.11
CA ARG A 229 23.43 7.85 6.03
C ARG A 229 23.40 9.10 6.88
N ARG A 230 24.51 9.38 7.55
CA ARG A 230 24.62 10.51 8.46
C ARG A 230 25.29 11.67 7.80
N GLY A 231 25.09 12.86 8.36
CA GLY A 231 25.78 14.05 7.92
C GLY A 231 25.09 14.83 6.83
N ILE A 232 23.92 14.38 6.38
CA ILE A 232 23.11 15.19 5.47
C ILE A 232 22.17 16.06 6.32
N ARG A 233 22.62 17.26 6.66
CA ARG A 233 21.84 18.14 7.53
C ARG A 233 20.46 18.49 6.95
N SER A 234 20.41 18.80 5.65
CA SER A 234 19.20 19.33 5.04
C SER A 234 19.30 19.41 3.52
N LEU A 235 18.32 20.08 2.92
CA LEU A 235 18.34 20.42 1.50
C LEU A 235 19.67 20.99 1.03
N ARG A 236 20.25 21.84 1.88
CA ARG A 236 21.53 22.50 1.63
C ARG A 236 22.73 21.59 1.37
N ASP A 237 22.71 20.37 1.89
CA ASP A 237 23.81 19.43 1.67
C ASP A 237 23.63 18.49 0.48
N LEU A 238 22.46 18.51 -0.17
CA LEU A 238 22.20 17.62 -1.30
C LEU A 238 23.02 18.02 -2.52
N THR A 239 23.66 17.03 -3.13
CA THR A 239 24.36 17.16 -4.41
C THR A 239 24.00 15.91 -5.24
N PRO A 240 24.42 15.85 -6.51
CA PRO A 240 24.15 14.66 -7.35
C PRO A 240 24.55 13.32 -6.73
N GLU A 241 25.46 13.35 -5.76
CA GLU A 241 25.91 12.17 -5.03
C GLU A 241 24.77 11.49 -4.27
N HIS A 242 23.78 12.26 -3.86
CA HIS A 242 22.66 11.73 -3.09
C HIS A 242 21.49 11.30 -3.99
N LEU A 243 21.65 11.43 -5.31
CA LEU A 243 20.54 11.10 -6.21
C LEU A 243 20.02 9.67 -6.03
N PRO A 244 20.88 8.67 -6.01
CA PRO A 244 20.42 7.30 -5.75
C PRO A 244 19.65 7.14 -4.43
N LEU A 245 20.04 7.87 -3.40
CA LEU A 245 19.32 7.87 -2.13
C LEU A 245 17.94 8.48 -2.29
N LEU A 246 17.89 9.62 -2.96
CA LEU A 246 16.65 10.35 -3.18
C LEU A 246 15.70 9.55 -4.06
N ARG A 247 16.23 8.91 -5.10
CA ARG A 247 15.44 8.03 -5.97
C ARG A 247 14.86 6.84 -5.22
N ASN A 248 15.68 6.23 -4.35
CA ASN A 248 15.24 5.12 -3.53
C ASN A 248 14.08 5.55 -2.63
N ILE A 249 14.21 6.70 -1.97
CA ILE A 249 13.15 7.18 -1.08
C ILE A 249 11.87 7.43 -1.85
N LEU A 250 11.99 8.07 -3.01
CA LEU A 250 10.82 8.43 -3.81
C LEU A 250 10.09 7.19 -4.32
N HIS A 251 10.82 6.28 -4.96
CA HIS A 251 10.18 5.20 -5.69
C HIS A 251 9.97 3.95 -4.84
N GLN A 252 10.89 3.65 -3.93
CA GLN A 252 10.66 2.57 -2.96
C GLN A 252 9.67 3.00 -1.89
N GLY A 253 9.72 4.25 -1.48
CA GLY A 253 8.76 4.76 -0.52
C GLY A 253 7.34 4.66 -1.05
N GLN A 254 7.16 5.09 -2.29
CA GLN A 254 5.86 4.99 -2.95
C GLN A 254 5.42 3.53 -3.11
N GLU A 255 6.35 2.65 -3.49
CA GLU A 255 5.98 1.25 -3.70
C GLU A 255 5.58 0.61 -2.37
N ALA A 256 6.23 1.06 -1.30
CA ALA A 256 5.96 0.57 0.05
C ALA A 256 4.55 0.92 0.48
N ILE A 257 4.16 2.18 0.23
CA ILE A 257 2.88 2.70 0.63
C ILE A 257 1.75 2.08 -0.20
N LEU A 258 1.99 1.82 -1.47
CA LEU A 258 1.01 1.09 -2.31
C LEU A 258 0.73 -0.29 -1.73
N GLN A 259 1.78 -0.94 -1.25
CA GLN A 259 1.66 -2.30 -0.75
C GLN A 259 0.95 -2.35 0.60
N ARG A 260 1.41 -1.52 1.54
CA ARG A 260 0.90 -1.50 2.91
C ARG A 260 -0.50 -0.89 3.00
N TYR A 261 -0.70 0.27 2.37
CA TYR A 261 -1.92 1.07 2.53
C TYR A 261 -2.82 1.18 1.30
N ARG A 262 -2.41 0.58 0.20
CA ARG A 262 -3.18 0.57 -1.05
C ARG A 262 -3.43 1.97 -1.66
N MET A 263 -2.50 2.89 -1.42
CA MET A 263 -2.59 4.26 -1.95
C MET A 263 -1.63 4.47 -3.11
N LYS A 264 -2.18 4.83 -4.27
CA LYS A 264 -1.40 5.02 -5.50
C LYS A 264 -0.47 6.23 -5.36
N GLY A 265 0.59 6.24 -6.17
CA GLY A 265 1.60 7.29 -6.09
C GLY A 265 1.04 8.66 -6.39
N ASP A 266 0.06 8.70 -7.28
CA ASP A 266 -0.58 9.97 -7.67
C ASP A 266 -1.55 10.50 -6.60
N HIS A 267 -1.67 9.76 -5.49
CA HIS A 267 -2.36 10.24 -4.29
C HIS A 267 -1.38 10.70 -3.19
N LEU A 268 -0.12 10.93 -3.53
CA LEU A 268 0.90 11.27 -2.54
C LEU A 268 1.63 12.56 -2.86
N ARG A 269 1.55 13.50 -1.93
CA ARG A 269 2.46 14.62 -1.87
C ARG A 269 3.70 14.17 -1.10
N VAL A 270 4.86 14.15 -1.77
CA VAL A 270 6.12 13.71 -1.17
C VAL A 270 7.08 14.89 -1.16
N TYR A 271 7.59 15.28 0.00
CA TYR A 271 8.38 16.50 0.12
C TYR A 271 9.30 16.53 1.34
N LEU A 272 10.27 17.44 1.29
CA LEU A 272 11.13 17.78 2.42
C LEU A 272 10.77 19.18 2.92
N HIS A 273 11.12 19.48 4.17
CA HIS A 273 10.95 20.84 4.71
C HIS A 273 12.28 21.56 4.66
N TYR A 274 12.29 22.81 4.19
CA TYR A 274 13.48 23.63 4.42
C TYR A 274 13.25 24.69 5.46
N LEU A 275 14.29 24.81 6.26
CA LEU A 275 14.24 24.72 7.70
C LEU A 275 13.34 23.56 8.11
N PRO A 276 13.98 22.42 8.32
CA PRO A 276 13.36 21.29 9.03
C PRO A 276 13.57 21.44 10.54
N SER A 277 12.74 20.79 11.33
CA SER A 277 12.79 20.86 12.78
C SER A 277 14.02 20.17 13.36
N TYR A 278 14.60 19.23 12.62
CA TYR A 278 15.86 18.61 13.02
C TYR A 278 16.68 18.30 11.78
N TYR A 279 17.99 18.20 11.96
CA TYR A 279 18.93 18.32 10.86
C TYR A 279 19.58 17.02 10.45
N HIS A 280 18.73 16.09 10.02
CA HIS A 280 19.15 14.81 9.47
C HIS A 280 18.12 14.44 8.42
N LEU A 281 18.51 14.46 7.15
CA LEU A 281 17.56 14.41 6.05
C LEU A 281 16.38 13.46 6.29
N HIS A 282 15.17 13.97 6.11
CA HIS A 282 13.98 13.13 6.15
C HIS A 282 12.87 13.66 5.22
N VAL A 283 12.10 12.75 4.64
CA VAL A 283 11.09 13.10 3.65
C VAL A 283 9.68 12.75 4.12
N HIS A 284 8.75 13.66 3.86
CA HIS A 284 7.35 13.50 4.21
C HIS A 284 6.58 12.87 3.06
N PHE A 285 5.74 11.89 3.38
CA PHE A 285 4.80 11.31 2.45
C PHE A 285 3.41 11.58 3.00
N THR A 286 2.62 12.43 2.35
CA THR A 286 1.27 12.71 2.83
C THR A 286 0.19 12.45 1.78
N ALA A 287 -1.01 12.11 2.25
CA ALA A 287 -2.16 11.99 1.37
C ALA A 287 -2.42 13.36 0.79
N LEU A 288 -2.76 13.40 -0.49
CA LEU A 288 -2.95 14.66 -1.21
C LEU A 288 -4.19 15.36 -0.70
N GLY A 289 -5.24 14.60 -0.41
CA GLY A 289 -6.46 15.18 0.14
C GLY A 289 -6.31 15.85 1.50
N PHE A 290 -5.23 15.57 2.21
CA PHE A 290 -4.97 16.14 3.53
C PHE A 290 -4.24 17.46 3.38
N GLU A 291 -4.88 18.56 3.77
CA GLU A 291 -4.21 19.86 3.75
C GLU A 291 -3.91 20.38 5.16
N ALA A 292 -2.62 20.61 5.39
CA ALA A 292 -2.10 21.19 6.63
C ALA A 292 -1.06 22.26 6.29
N PRO A 293 -0.76 23.18 7.21
CA PRO A 293 0.49 23.94 7.11
C PRO A 293 1.63 22.94 7.19
N GLY A 294 2.65 23.09 6.36
CA GLY A 294 3.70 22.09 6.28
C GLY A 294 3.88 21.64 4.85
N SER A 295 2.77 21.57 4.11
CA SER A 295 2.84 21.42 2.67
C SER A 295 2.78 22.80 1.97
N GLY A 296 2.88 23.89 2.72
CA GLY A 296 2.89 25.22 2.14
C GLY A 296 4.17 25.48 1.34
N VAL A 297 4.07 26.35 0.34
CA VAL A 297 5.19 26.60 -0.56
C VAL A 297 6.40 27.23 0.13
N GLU A 298 6.15 28.01 1.18
CA GLU A 298 7.21 28.63 1.97
C GLU A 298 8.03 27.64 2.80
N ARG A 299 7.66 26.36 2.78
CA ARG A 299 8.39 25.32 3.54
C ARG A 299 8.59 23.96 2.83
N ALA A 300 7.67 23.55 1.96
CA ALA A 300 7.72 22.22 1.35
C ALA A 300 8.37 22.27 -0.04
N HIS A 301 9.28 21.31 -0.28
CA HIS A 301 9.91 21.13 -1.58
C HIS A 301 9.67 19.67 -2.04
N LEU A 302 8.98 19.50 -3.16
CA LEU A 302 8.67 18.16 -3.68
C LEU A 302 9.96 17.43 -4.01
N LEU A 303 10.11 16.22 -3.46
CA LEU A 303 11.26 15.34 -3.69
C LEU A 303 11.54 15.09 -5.17
N ALA A 304 10.48 14.90 -5.96
CA ALA A 304 10.63 14.65 -7.37
C ALA A 304 11.36 15.83 -8.04
N GLU A 305 10.94 17.05 -7.68
CA GLU A 305 11.54 18.27 -8.23
C GLU A 305 12.94 18.52 -7.68
N VAL A 306 13.20 18.06 -6.45
CA VAL A 306 14.53 18.21 -5.84
C VAL A 306 15.52 17.35 -6.64
N ILE A 307 15.06 16.20 -7.09
CA ILE A 307 15.89 15.25 -7.83
C ILE A 307 16.20 15.81 -9.20
N GLU A 308 15.20 16.35 -9.85
CA GLU A 308 15.34 16.93 -11.18
C GLU A 308 16.19 18.20 -11.18
N ASN A 309 16.13 18.99 -10.11
CA ASN A 309 17.00 20.16 -9.95
C ASN A 309 18.47 19.73 -9.94
N LEU A 310 18.75 18.67 -9.19
CA LEU A 310 20.09 18.12 -9.05
C LEU A 310 20.61 17.60 -10.38
N GLU A 311 19.74 16.97 -11.17
CA GLU A 311 20.13 16.45 -12.47
C GLU A 311 20.43 17.56 -13.50
N CYS A 312 19.79 18.72 -13.35
CA CYS A 312 19.93 19.86 -14.28
C CYS A 312 21.03 20.82 -13.88
N ASP A 313 21.37 20.83 -12.59
CA ASP A 313 22.12 21.90 -11.96
C ASP A 313 22.73 21.35 -10.67
N PRO A 314 23.85 20.64 -10.80
CA PRO A 314 24.47 19.94 -9.66
C PRO A 314 24.62 20.76 -8.37
N ARG A 315 24.96 22.03 -8.50
CA ARG A 315 25.19 22.88 -7.33
C ARG A 315 23.95 23.69 -6.92
N HIS A 316 22.80 23.36 -7.48
CA HIS A 316 21.54 24.06 -7.17
C HIS A 316 21.39 24.44 -5.70
N TYR A 317 21.44 23.46 -4.79
CA TYR A 317 21.11 23.71 -3.39
C TYR A 317 22.24 24.30 -2.55
N GLN A 318 23.42 24.49 -3.13
CA GLN A 318 24.46 25.30 -2.49
C GLN A 318 24.45 26.75 -2.98
N GLN A 319 24.04 26.97 -4.22
CA GLN A 319 24.19 28.29 -4.84
C GLN A 319 22.89 29.12 -4.83
N ARG A 320 21.76 28.45 -4.94
CA ARG A 320 20.49 29.11 -5.10
C ARG A 320 19.91 29.62 -3.78
N THR A 321 18.99 30.56 -3.90
CA THR A 321 18.34 31.20 -2.76
C THR A 321 17.11 30.39 -2.38
N LEU A 322 16.99 30.07 -1.09
CA LEU A 322 15.86 29.34 -0.56
C LEU A 322 15.04 30.29 0.31
N THR A 323 13.72 30.20 0.17
CA THR A 323 12.78 31.01 0.91
C THR A 323 12.10 30.18 1.98
N PHE A 324 12.08 30.69 3.21
CA PHE A 324 11.39 30.02 4.30
C PHE A 324 10.90 31.00 5.38
N ALA A 325 10.15 30.48 6.34
CA ALA A 325 9.61 31.30 7.41
C ALA A 325 10.25 30.93 8.74
N LEU A 326 10.54 31.95 9.54
CA LEU A 326 11.04 31.79 10.90
C LEU A 326 10.09 32.46 11.88
N ARG A 327 10.02 31.95 13.10
CA ARG A 327 9.31 32.64 14.19
C ARG A 327 10.01 33.98 14.43
N ALA A 328 9.24 35.00 14.82
CA ALA A 328 9.75 36.38 14.95
C ALA A 328 10.74 36.56 16.10
N ASP A 329 10.83 35.56 16.97
CA ASP A 329 11.72 35.57 18.13
C ASP A 329 12.94 34.65 17.97
N ASP A 330 13.05 33.99 16.81
CA ASP A 330 14.17 33.10 16.50
C ASP A 330 15.41 33.95 16.27
N PRO A 331 16.47 33.75 17.06
CA PRO A 331 17.72 34.51 16.88
C PRO A 331 18.29 34.47 15.44
N LEU A 332 18.10 33.35 14.75
CA LEU A 332 18.56 33.21 13.35
C LEU A 332 17.92 34.25 12.44
N LEU A 333 16.62 34.49 12.62
CA LEU A 333 15.93 35.51 11.84
C LEU A 333 16.62 36.85 12.00
N LYS A 334 16.91 37.21 13.25
CA LYS A 334 17.58 38.48 13.54
C LYS A 334 18.96 38.52 12.88
N LEU A 335 19.70 37.42 12.94
CA LEU A 335 21.05 37.38 12.38
C LEU A 335 21.05 37.49 10.85
N LEU A 336 20.05 36.93 10.19
CA LEU A 336 19.98 36.98 8.72
C LEU A 336 19.60 38.39 8.25
N GLN A 337 18.64 38.98 8.96
CA GLN A 337 18.24 40.35 8.73
C GLN A 337 19.44 41.29 8.81
N GLU A 338 20.17 41.22 9.93
CA GLU A 338 21.31 42.12 10.19
C GLU A 338 22.36 42.02 9.08
N ALA A 339 22.56 40.81 8.56
CA ALA A 339 23.55 40.54 7.51
C ALA A 339 23.09 41.01 6.13
N GLN A 340 21.78 41.09 5.91
CA GLN A 340 21.22 41.43 4.61
C GLN A 340 21.07 42.94 4.34
N GLN A 341 21.26 43.77 5.38
CA GLN A 341 21.14 45.22 5.20
C GLN A 341 22.48 45.92 5.28
N VAL B 45 -29.14 45.37 0.45
CA VAL B 45 -29.24 45.05 -1.00
C VAL B 45 -29.87 43.67 -1.24
N ARG B 46 -29.97 43.29 -2.52
CA ARG B 46 -30.67 42.08 -2.97
C ARG B 46 -29.72 41.18 -3.78
N LEU B 47 -30.00 39.89 -3.80
CA LEU B 47 -29.29 38.95 -4.68
C LEU B 47 -29.63 39.27 -6.14
N PRO B 48 -28.75 38.90 -7.08
CA PRO B 48 -28.98 39.27 -8.50
C PRO B 48 -29.97 38.33 -9.20
N PHE B 49 -30.62 37.46 -8.43
CA PHE B 49 -31.69 36.58 -8.92
C PHE B 49 -32.77 36.46 -7.85
N SER B 50 -33.90 35.89 -8.22
CA SER B 50 -35.00 35.62 -7.28
C SER B 50 -35.21 34.12 -7.14
N GLY B 51 -35.60 33.70 -5.94
CA GLY B 51 -35.76 32.29 -5.65
C GLY B 51 -34.41 31.59 -5.51
N PHE B 52 -34.45 30.30 -5.23
CA PHE B 52 -33.26 29.46 -5.15
C PHE B 52 -33.69 28.04 -4.84
N ARG B 53 -33.64 27.16 -5.85
CA ARG B 53 -33.96 25.75 -5.65
C ARG B 53 -32.67 24.94 -5.63
N LEU B 54 -32.24 24.55 -4.44
CA LEU B 54 -31.04 23.71 -4.27
C LEU B 54 -31.04 22.47 -5.17
N GLN B 55 -30.12 22.45 -6.14
CA GLN B 55 -29.90 21.30 -7.02
C GLN B 55 -28.96 20.26 -6.42
N LYS B 56 -27.90 20.74 -5.80
CA LYS B 56 -26.87 19.86 -5.23
C LYS B 56 -25.93 20.65 -4.34
N VAL B 57 -25.43 20.01 -3.30
CA VAL B 57 -24.32 20.57 -2.53
C VAL B 57 -23.02 20.20 -3.26
N LEU B 58 -22.40 21.19 -3.90
CA LEU B 58 -21.17 20.94 -4.63
C LEU B 58 -20.04 20.53 -3.68
N ARG B 59 -19.80 21.33 -2.65
CA ARG B 59 -18.70 21.09 -1.71
C ARG B 59 -19.05 21.60 -0.32
N GLU B 60 -18.69 20.82 0.69
CA GLU B 60 -19.08 21.11 2.07
C GLU B 60 -17.92 20.71 2.99
N SER B 61 -17.52 21.62 3.89
CA SER B 61 -16.38 21.36 4.75
C SER B 61 -16.64 21.87 6.16
N ALA B 62 -16.47 20.98 7.14
CA ALA B 62 -16.58 21.35 8.55
C ALA B 62 -15.28 22.02 8.99
N ARG B 63 -14.15 21.53 8.46
CA ARG B 63 -12.83 22.08 8.81
C ARG B 63 -12.85 23.60 8.70
N ASP B 64 -13.07 24.11 7.51
CA ASP B 64 -13.01 25.55 7.28
C ASP B 64 -14.39 26.21 7.05
N LYS B 65 -15.45 25.55 7.52
CA LYS B 65 -16.76 26.16 7.66
C LYS B 65 -17.19 26.91 6.40
N ILE B 66 -17.32 26.17 5.31
CA ILE B 66 -17.69 26.72 4.02
C ILE B 66 -18.61 25.77 3.28
N ILE B 67 -19.53 26.31 2.48
CA ILE B 67 -20.44 25.50 1.66
C ILE B 67 -20.63 26.12 0.28
N PHE B 68 -20.63 25.26 -0.74
CA PHE B 68 -20.76 25.66 -2.13
C PHE B 68 -22.07 25.06 -2.64
N LEU B 69 -22.96 25.90 -3.17
CA LEU B 69 -24.32 25.46 -3.48
C LEU B 69 -24.65 25.74 -4.93
N HIS B 70 -25.20 24.73 -5.60
CA HIS B 70 -25.71 24.85 -6.96
C HIS B 70 -27.22 24.97 -6.85
N GLY B 71 -27.77 26.08 -7.33
CA GLY B 71 -29.20 26.30 -7.34
C GLY B 71 -29.73 26.69 -8.71
N LYS B 72 -31.02 26.48 -8.92
CA LYS B 72 -31.72 27.04 -10.06
C LYS B 72 -32.39 28.34 -9.61
N VAL B 73 -32.48 29.32 -10.51
CA VAL B 73 -33.05 30.61 -10.14
C VAL B 73 -33.87 31.24 -11.27
N GLU B 83 -31.57 28.24 -15.42
CA GLU B 83 -30.58 29.23 -14.97
C GLU B 83 -29.84 28.75 -13.74
N ASP B 84 -28.52 28.64 -13.82
CA ASP B 84 -27.71 28.14 -12.72
C ASP B 84 -27.04 29.25 -11.92
N ALA B 85 -26.88 29.02 -10.62
CA ALA B 85 -26.15 29.91 -9.74
C ALA B 85 -25.37 29.10 -8.71
N VAL B 86 -24.16 29.55 -8.41
CA VAL B 86 -23.43 29.01 -7.29
C VAL B 86 -23.47 30.08 -6.20
N VAL B 87 -23.83 29.67 -4.99
CA VAL B 87 -23.80 30.56 -3.84
C VAL B 87 -22.88 29.91 -2.82
N ILE B 88 -21.82 30.65 -2.47
CA ILE B 88 -20.80 30.21 -1.51
C ILE B 88 -21.05 30.98 -0.23
N LEU B 89 -21.08 30.27 0.89
CA LEU B 89 -21.23 30.89 2.20
C LEU B 89 -20.06 30.43 3.05
N GLU B 90 -19.37 31.37 3.67
CA GLU B 90 -18.17 31.07 4.44
C GLU B 90 -18.19 31.84 5.76
N LYS B 91 -18.03 31.13 6.86
CA LYS B 91 -17.87 31.78 8.14
C LYS B 91 -16.62 32.66 8.11
N THR B 92 -16.61 33.74 8.88
CA THR B 92 -15.53 34.72 8.83
C THR B 92 -14.58 34.60 10.02
N PRO B 93 -13.36 35.10 9.86
CA PRO B 93 -12.43 35.19 10.98
C PRO B 93 -13.00 36.08 12.09
N PHE B 94 -12.47 35.92 13.31
CA PHE B 94 -12.91 36.73 14.42
C PHE B 94 -12.17 38.07 14.44
N GLN B 95 -12.86 39.09 14.95
CA GLN B 95 -12.27 40.41 15.20
C GLN B 95 -11.92 40.48 16.68
N VAL B 96 -10.63 40.66 16.97
CA VAL B 96 -10.12 40.53 18.35
C VAL B 96 -10.76 41.50 19.35
N GLU B 97 -10.79 42.78 18.99
CA GLU B 97 -11.21 43.84 19.93
C GLU B 97 -12.71 43.76 20.25
N GLN B 98 -13.44 43.05 19.40
CA GLN B 98 -14.88 42.97 19.48
C GLN B 98 -15.38 41.66 20.11
N VAL B 99 -14.52 40.64 20.17
CA VAL B 99 -14.80 39.44 20.95
C VAL B 99 -14.53 39.74 22.44
N ALA B 100 -13.44 40.47 22.70
CA ALA B 100 -13.10 40.92 24.05
C ALA B 100 -14.18 41.81 24.66
N GLN B 101 -14.89 42.54 23.81
CA GLN B 101 -16.01 43.37 24.22
C GLN B 101 -17.20 42.52 24.62
N LEU B 102 -17.51 41.53 23.78
CA LEU B 102 -18.66 40.66 24.00
C LEU B 102 -18.55 39.86 25.31
N LEU B 103 -17.35 39.36 25.58
CA LEU B 103 -17.11 38.48 26.72
C LEU B 103 -17.20 39.22 28.05
N THR B 104 -16.72 40.46 28.08
CA THR B 104 -16.70 41.25 29.32
C THR B 104 -18.07 41.80 29.73
N GLY B 105 -18.99 41.90 28.77
CA GLY B 105 -20.35 42.33 29.03
C GLY B 105 -21.26 41.16 29.38
N SER B 106 -22.38 41.05 28.69
CA SER B 106 -23.32 39.96 28.89
C SER B 106 -23.41 39.09 27.63
N PRO B 107 -22.67 37.98 27.58
CA PRO B 107 -22.82 37.01 26.50
C PRO B 107 -24.09 36.18 26.63
N GLU B 108 -24.61 35.72 25.50
CA GLU B 108 -25.72 34.78 25.46
C GLU B 108 -25.18 33.36 25.33
N LEU B 109 -25.04 32.67 26.46
CA LEU B 109 -24.47 31.32 26.50
C LEU B 109 -25.48 30.19 26.75
N GLN B 110 -25.04 28.96 26.53
CA GLN B 110 -25.84 27.75 26.71
C GLN B 110 -24.89 26.55 26.96
N LEU B 111 -24.88 26.01 28.17
CA LEU B 111 -23.97 24.90 28.50
C LEU B 111 -24.22 23.65 27.65
N GLN B 112 -23.14 22.97 27.26
CA GLN B 112 -23.22 21.70 26.53
C GLN B 112 -22.45 20.59 27.26
N PHE B 113 -21.13 20.79 27.44
CA PHE B 113 -20.30 19.88 28.22
C PHE B 113 -19.62 20.65 29.36
N SER B 114 -19.04 19.92 30.32
CA SER B 114 -18.46 20.55 31.53
C SER B 114 -17.55 19.60 32.33
N ASN B 115 -16.53 20.18 32.97
CA ASN B 115 -15.57 19.42 33.78
C ASN B 115 -14.93 20.30 34.86
N ILE B 117 -11.36 21.29 34.27
CA ILE B 117 -11.46 22.74 34.04
C ILE B 117 -12.05 23.11 32.68
N TYR B 118 -12.21 22.12 31.80
CA TYR B 118 -12.78 22.31 30.45
C TYR B 118 -14.30 22.50 30.50
N SER B 119 -14.79 23.63 30.00
CA SER B 119 -16.22 23.86 29.83
C SER B 119 -16.53 24.31 28.40
N THR B 120 -17.70 23.90 27.90
CA THR B 120 -18.09 24.13 26.50
C THR B 120 -19.48 24.77 26.41
N TYR B 121 -19.69 25.62 25.41
CA TYR B 121 -20.94 26.35 25.26
C TYR B 121 -21.32 26.57 23.80
N HIS B 122 -22.59 26.92 23.58
CA HIS B 122 -23.04 27.53 22.34
C HIS B 122 -23.16 29.01 22.63
N LEU B 123 -22.50 29.84 21.82
CA LEU B 123 -22.59 31.29 21.96
C LEU B 123 -23.33 31.84 20.74
N PHE B 124 -24.33 32.68 20.99
CA PHE B 124 -25.06 33.34 19.91
C PHE B 124 -24.82 34.85 20.02
N PRO B 125 -23.81 35.35 19.30
CA PRO B 125 -23.39 36.74 19.45
C PRO B 125 -24.37 37.71 18.79
N PRO B 126 -24.20 39.00 19.02
CA PRO B 126 -24.97 40.02 18.30
C PRO B 126 -24.55 40.10 16.82
N ARG B 127 -25.26 40.95 16.08
CA ARG B 127 -25.15 41.04 14.62
C ARG B 127 -23.73 41.22 14.06
N GLN B 128 -22.89 42.00 14.76
CA GLN B 128 -21.57 42.39 14.23
C GLN B 128 -20.63 41.20 14.00
N LEU B 129 -20.68 40.20 14.88
CA LEU B 129 -19.77 39.06 14.81
C LEU B 129 -20.28 37.92 13.93
N ASN B 130 -21.48 38.06 13.38
CA ASN B 130 -22.12 36.99 12.65
C ASN B 130 -21.96 37.07 11.14
N ASP B 131 -21.17 38.04 10.66
CA ASP B 131 -20.91 38.23 9.23
C ASP B 131 -20.51 36.92 8.55
N VAL B 132 -21.24 36.58 7.48
CA VAL B 132 -20.97 35.40 6.66
C VAL B 132 -20.59 35.86 5.25
N LYS B 133 -19.41 35.47 4.79
CA LYS B 133 -18.93 35.85 3.48
C LYS B 133 -19.69 35.08 2.40
N THR B 134 -20.41 35.82 1.56
CA THR B 134 -21.34 35.26 0.59
C THR B 134 -20.89 35.60 -0.82
N THR B 135 -20.68 34.58 -1.65
CA THR B 135 -20.21 34.78 -3.02
C THR B 135 -21.16 34.11 -3.99
N VAL B 136 -21.57 34.85 -5.02
CA VAL B 136 -22.49 34.35 -6.01
C VAL B 136 -21.84 34.35 -7.39
N VAL B 137 -21.94 33.24 -8.09
CA VAL B 137 -21.63 33.20 -9.52
C VAL B 137 -22.94 32.97 -10.23
N TYR B 138 -23.34 33.91 -11.07
CA TYR B 138 -24.62 33.87 -11.74
C TYR B 138 -24.60 34.75 -12.99
N PRO B 139 -24.90 34.19 -14.17
CA PRO B 139 -25.13 32.75 -14.37
C PRO B 139 -23.86 31.89 -14.30
N ALA B 140 -23.86 30.85 -13.47
CA ALA B 140 -22.78 29.87 -13.45
C ALA B 140 -22.85 28.99 -14.70
N THR B 141 -21.69 28.65 -15.22
CA THR B 141 -21.56 27.80 -16.40
C THR B 141 -21.27 26.38 -15.93
N GLU B 142 -21.27 25.44 -16.87
CA GLU B 142 -20.91 24.04 -16.59
C GLU B 142 -19.49 23.94 -15.99
N LYS B 143 -18.59 24.81 -16.44
CA LYS B 143 -17.22 24.84 -15.90
C LYS B 143 -17.19 25.21 -14.41
N HIS B 144 -18.06 26.13 -14.00
CA HIS B 144 -18.18 26.52 -12.59
C HIS B 144 -18.65 25.36 -11.72
N LEU B 145 -19.57 24.56 -12.25
CA LEU B 145 -20.18 23.49 -11.48
C LEU B 145 -19.19 22.36 -11.19
N GLN B 146 -18.27 22.11 -12.13
CA GLN B 146 -17.25 21.06 -11.96
C GLN B 146 -16.07 21.55 -11.12
N LYS B 147 -15.75 22.83 -11.29
CA LYS B 147 -14.69 23.49 -10.55
C LYS B 147 -14.90 23.41 -9.04
N TYR B 148 -16.14 23.62 -8.59
CA TYR B 148 -16.43 23.67 -7.14
C TYR B 148 -16.87 22.33 -6.55
N LEU B 149 -17.14 21.34 -7.39
CA LEU B 149 -17.61 20.03 -6.94
C LEU B 149 -16.50 19.26 -6.23
N ARG B 150 -16.83 18.66 -5.09
CA ARG B 150 -15.94 17.75 -4.37
C ARG B 150 -15.58 16.60 -5.29
N GLN B 151 -14.29 16.48 -5.57
CA GLN B 151 -13.79 15.37 -6.36
C GLN B 151 -12.49 14.88 -5.75
N ASP B 152 -12.21 13.61 -6.00
CA ASP B 152 -10.93 12.99 -5.71
C ASP B 152 -9.85 13.67 -6.57
N LEU B 153 -8.77 14.15 -5.95
CA LEU B 153 -7.67 14.79 -6.68
C LEU B 153 -6.54 13.82 -6.96
N ARG B 154 -5.93 13.90 -8.13
CA ARG B 154 -4.76 13.10 -8.47
C ARG B 154 -3.63 14.03 -8.87
N LEU B 155 -2.40 13.64 -8.55
CA LEU B 155 -1.23 14.43 -8.93
C LEU B 155 -0.77 14.03 -10.33
N ILE B 156 -0.19 14.98 -11.03
CA ILE B 156 0.34 14.76 -12.36
C ILE B 156 1.61 15.57 -12.53
N ARG B 157 2.63 14.95 -13.12
CA ARG B 157 3.88 15.60 -13.43
C ARG B 157 3.92 15.81 -14.92
N GLU B 158 3.70 17.05 -15.34
CA GLU B 158 3.54 17.44 -16.74
C GLU B 158 4.87 17.88 -17.31
N THR B 159 5.41 17.10 -18.23
CA THR B 159 6.68 17.45 -18.86
C THR B 159 6.50 18.59 -19.81
N GLY B 160 7.60 19.16 -20.26
CA GLY B 160 7.57 20.24 -21.25
C GLY B 160 6.79 19.80 -22.47
N ASP B 161 7.08 18.58 -22.94
CA ASP B 161 6.44 18.01 -24.12
C ASP B 161 4.96 17.71 -23.89
N ASP B 162 4.62 17.22 -22.69
CA ASP B 162 3.23 17.01 -22.32
C ASP B 162 2.44 18.33 -22.39
N TYR B 163 3.06 19.44 -22.01
CA TYR B 163 2.38 20.73 -22.07
C TYR B 163 2.09 21.14 -23.51
N ARG B 164 3.07 20.96 -24.41
CA ARG B 164 2.90 21.36 -25.81
C ARG B 164 1.92 20.46 -26.57
N ASN B 165 1.99 19.15 -26.36
CA ASN B 165 1.23 18.20 -27.17
C ASN B 165 -0.17 17.89 -26.62
N ILE B 166 -0.41 18.20 -25.35
CA ILE B 166 -1.59 17.74 -24.63
C ILE B 166 -2.33 18.88 -23.92
N THR B 167 -1.67 19.49 -22.95
CA THR B 167 -2.29 20.51 -22.10
C THR B 167 -2.74 21.77 -22.84
N LEU B 168 -1.83 22.38 -23.59
CA LEU B 168 -2.09 23.65 -24.29
C LEU B 168 -3.19 23.53 -25.33
N PRO B 169 -3.13 22.54 -26.22
CA PRO B 169 -4.23 22.30 -27.18
C PRO B 169 -5.60 22.08 -26.52
N HIS B 170 -5.64 21.34 -25.41
CA HIS B 170 -6.84 21.22 -24.61
C HIS B 170 -7.25 22.58 -24.04
N LEU B 171 -6.29 23.34 -23.55
CA LEU B 171 -6.51 24.67 -22.97
C LEU B 171 -7.06 25.69 -23.97
N GLU B 172 -6.71 25.50 -25.25
CA GLU B 172 -7.11 26.43 -26.30
C GLU B 172 -8.52 26.11 -26.77
N SER B 173 -9.00 24.88 -26.55
CA SER B 173 -10.38 24.53 -26.86
C SER B 173 -11.34 25.39 -26.07
N GLN B 174 -11.20 25.36 -24.74
CA GLN B 174 -11.89 26.35 -23.91
C GLN B 174 -11.33 26.49 -22.49
N SER B 175 -11.71 27.59 -21.86
CA SER B 175 -11.45 27.84 -20.45
C SER B 175 -12.48 28.81 -19.91
N LEU B 176 -12.45 29.06 -18.61
CA LEU B 176 -13.40 29.98 -18.00
C LEU B 176 -13.24 31.37 -18.59
N SER B 177 -14.35 32.07 -18.76
CA SER B 177 -14.31 33.43 -19.25
C SER B 177 -13.37 34.27 -18.40
N ILE B 178 -12.65 35.17 -19.06
CA ILE B 178 -11.76 36.12 -18.40
C ILE B 178 -12.36 37.53 -18.46
N GLN B 179 -13.67 37.64 -18.56
CA GLN B 179 -14.31 38.95 -18.74
C GLN B 179 -14.12 39.85 -17.50
N TRP B 180 -13.96 39.23 -16.34
CA TRP B 180 -13.81 39.96 -15.10
C TRP B 180 -12.44 40.62 -15.01
N VAL B 181 -11.44 39.94 -15.59
CA VAL B 181 -10.08 40.46 -15.67
C VAL B 181 -10.02 41.66 -16.61
N TYR B 182 -10.64 41.56 -17.78
CA TYR B 182 -10.73 42.67 -18.72
C TYR B 182 -11.50 43.85 -18.11
N ASN B 183 -12.46 43.56 -17.22
CA ASN B 183 -13.22 44.61 -16.54
C ASN B 183 -12.35 45.39 -15.54
N ILE B 184 -11.53 44.70 -14.77
CA ILE B 184 -10.62 45.37 -13.84
C ILE B 184 -9.64 46.25 -14.60
N LEU B 185 -9.08 45.73 -15.69
CA LEU B 185 -8.03 46.43 -16.45
C LEU B 185 -8.54 47.63 -17.24
N ASP B 186 -9.79 47.56 -17.66
CA ASP B 186 -10.42 48.61 -18.47
C ASP B 186 -11.24 49.58 -17.60
N LYS B 187 -11.27 49.31 -16.29
CA LYS B 187 -11.91 50.17 -15.28
C LYS B 187 -13.44 50.16 -15.29
N LYS B 188 -14.04 49.17 -15.94
CA LYS B 188 -15.50 49.00 -15.95
C LYS B 188 -16.03 48.22 -14.75
N ALA B 189 -15.14 47.65 -13.93
CA ALA B 189 -15.51 47.05 -12.65
C ALA B 189 -14.37 47.11 -11.65
N GLU B 190 -14.72 47.36 -10.39
CA GLU B 190 -13.79 47.32 -9.27
C GLU B 190 -12.76 48.44 -9.28
N ALA B 191 -13.04 49.48 -10.05
CA ALA B 191 -12.12 50.61 -10.17
C ALA B 191 -11.86 51.31 -8.85
N ASP B 192 -12.90 51.47 -8.03
CA ASP B 192 -12.76 52.14 -6.72
C ASP B 192 -12.07 51.28 -5.65
N ARG B 193 -11.75 50.02 -5.95
CA ARG B 193 -10.99 49.17 -5.04
C ARG B 193 -9.53 48.98 -5.46
N ILE B 194 -9.13 49.57 -6.58
CA ILE B 194 -7.74 49.51 -7.00
C ILE B 194 -6.82 50.03 -5.89
N VAL B 195 -5.77 49.28 -5.57
CA VAL B 195 -4.84 49.67 -4.50
C VAL B 195 -3.63 50.38 -5.13
N PHE B 196 -3.14 49.81 -6.22
CA PHE B 196 -2.06 50.40 -6.98
C PHE B 196 -2.14 49.91 -8.44
N GLU B 197 -1.98 50.83 -9.38
CA GLU B 197 -1.86 50.51 -10.80
C GLU B 197 -0.57 51.10 -11.38
N ASN B 198 0.20 50.24 -12.04
CA ASN B 198 1.24 50.61 -12.99
C ASN B 198 0.60 50.41 -14.36
N PRO B 199 0.27 51.50 -15.07
CA PRO B 199 -0.45 51.40 -16.34
C PRO B 199 0.37 50.96 -17.56
N ASP B 200 1.65 50.67 -17.43
CA ASP B 200 2.43 50.26 -18.59
C ASP B 200 1.77 49.04 -19.26
N PRO B 201 1.44 49.13 -20.56
CA PRO B 201 0.79 48.01 -21.26
C PRO B 201 1.52 46.68 -21.13
N SER B 202 2.85 46.71 -21.12
CA SER B 202 3.65 45.49 -21.16
C SER B 202 4.17 45.01 -19.80
N ASP B 203 4.75 45.94 -19.04
CA ASP B 203 5.35 45.62 -17.73
C ASP B 203 4.47 46.00 -16.55
N GLY B 204 3.30 46.55 -16.82
CA GLY B 204 2.42 47.05 -15.78
C GLY B 204 1.39 46.05 -15.27
N PHE B 205 0.63 46.46 -14.27
CA PHE B 205 -0.41 45.63 -13.66
C PHE B 205 -1.37 46.45 -12.78
N VAL B 206 -2.42 45.80 -12.28
CA VAL B 206 -3.35 46.40 -11.33
C VAL B 206 -3.39 45.49 -10.13
N LEU B 207 -3.16 46.05 -8.95
CA LEU B 207 -3.25 45.30 -7.71
C LEU B 207 -4.57 45.62 -7.04
N ILE B 208 -5.33 44.57 -6.71
CA ILE B 208 -6.69 44.72 -6.26
C ILE B 208 -7.03 43.65 -5.21
N PRO B 209 -7.91 43.94 -4.26
CA PRO B 209 -8.35 42.92 -3.31
C PRO B 209 -8.94 41.71 -4.03
N ASP B 210 -8.49 40.53 -3.63
CA ASP B 210 -9.02 39.30 -4.16
C ASP B 210 -10.47 39.11 -3.75
N LEU B 211 -11.21 38.39 -4.57
CA LEU B 211 -12.63 38.15 -4.34
C LEU B 211 -12.87 37.45 -3.00
N LYS B 212 -11.94 36.59 -2.62
CA LYS B 212 -12.02 35.77 -1.42
C LYS B 212 -11.95 36.59 -0.14
N TRP B 213 -11.31 37.75 -0.19
CA TRP B 213 -11.06 38.56 0.99
C TRP B 213 -12.21 39.56 1.30
N ASN B 214 -12.79 39.47 2.50
CA ASN B 214 -13.86 40.41 2.90
C ASN B 214 -13.36 41.77 3.41
N GLN B 215 -12.04 41.96 3.42
CA GLN B 215 -11.43 43.26 3.71
C GLN B 215 -11.64 43.79 5.14
N GLN B 216 -12.08 42.92 6.06
CA GLN B 216 -12.43 43.32 7.42
C GLN B 216 -11.27 43.20 8.41
N GLN B 217 -10.29 42.36 8.09
CA GLN B 217 -9.12 42.17 8.95
C GLN B 217 -7.93 41.86 8.07
N LEU B 218 -6.74 41.94 8.65
CA LEU B 218 -5.51 41.72 7.90
C LEU B 218 -5.04 40.29 7.95
N ASP B 219 -5.51 39.51 8.93
CA ASP B 219 -5.04 38.14 9.16
C ASP B 219 -5.17 37.25 7.92
N ASP B 220 -6.19 37.52 7.12
CA ASP B 220 -6.40 36.82 5.86
C ASP B 220 -6.29 37.76 4.67
N LEU B 221 -5.41 38.75 4.76
CA LEU B 221 -5.16 39.66 3.63
C LEU B 221 -4.92 38.85 2.37
N TYR B 222 -5.54 39.29 1.28
CA TYR B 222 -5.49 38.56 0.01
C TYR B 222 -5.71 39.53 -1.15
N LEU B 223 -4.66 39.81 -1.91
CA LEU B 223 -4.76 40.65 -3.10
C LEU B 223 -4.22 39.89 -4.33
N ILE B 224 -4.68 40.26 -5.52
CA ILE B 224 -4.05 39.77 -6.75
C ILE B 224 -3.50 40.91 -7.60
N ALA B 225 -2.39 40.66 -8.27
CA ALA B 225 -1.83 41.57 -9.24
C ALA B 225 -2.10 40.98 -10.61
N ILE B 226 -2.81 41.72 -11.46
CA ILE B 226 -3.16 41.27 -12.80
C ILE B 226 -2.39 42.12 -13.78
N CYS B 227 -1.54 41.50 -14.59
CA CYS B 227 -0.78 42.22 -15.61
C CYS B 227 -1.71 42.85 -16.65
N HIS B 228 -1.35 44.03 -17.16
CA HIS B 228 -2.12 44.67 -18.24
C HIS B 228 -1.96 43.93 -19.57
N ARG B 229 -0.80 43.31 -19.75
CA ARG B 229 -0.46 42.70 -21.02
C ARG B 229 -1.24 41.42 -21.20
N ARG B 230 -1.88 41.25 -22.38
CA ARG B 230 -2.65 40.05 -22.69
C ARG B 230 -1.80 38.90 -23.24
N GLY B 231 -2.36 37.69 -23.18
CA GLY B 231 -1.80 36.52 -23.84
C GLY B 231 -0.80 35.73 -23.03
N ILE B 232 -0.57 36.12 -21.78
CA ILE B 232 0.28 35.35 -20.86
C ILE B 232 -0.68 34.48 -20.06
N ARG B 233 -0.89 33.25 -20.54
CA ARG B 233 -1.91 32.38 -19.97
C ARG B 233 -1.57 31.84 -18.59
N SER B 234 -0.30 31.54 -18.38
CA SER B 234 0.17 30.93 -17.14
C SER B 234 1.68 30.97 -17.04
N LEU B 235 2.19 30.39 -15.94
CA LEU B 235 3.61 30.15 -15.73
C LEU B 235 4.33 29.60 -16.96
N ARG B 236 3.67 28.73 -17.73
CA ARG B 236 4.31 28.07 -18.87
C ARG B 236 4.66 28.99 -20.05
N ASP B 237 4.07 30.18 -20.10
CA ASP B 237 4.42 31.19 -21.12
C ASP B 237 5.58 32.11 -20.73
N LEU B 238 6.06 32.01 -19.50
CA LEU B 238 7.04 33.00 -18.99
C LEU B 238 8.45 32.72 -19.51
N THR B 239 9.02 33.72 -20.18
CA THR B 239 10.38 33.74 -20.70
C THR B 239 11.11 34.92 -20.02
N PRO B 240 12.40 35.11 -20.30
CA PRO B 240 13.10 36.28 -19.76
C PRO B 240 12.54 37.65 -20.16
N GLU B 241 11.79 37.73 -21.25
CA GLU B 241 11.23 38.99 -21.69
C GLU B 241 10.16 39.47 -20.69
N HIS B 242 9.64 38.54 -19.89
CA HIS B 242 8.64 38.81 -18.86
C HIS B 242 9.24 39.21 -17.53
N LEU B 243 10.57 39.23 -17.43
CA LEU B 243 11.23 39.51 -16.16
C LEU B 243 10.93 40.90 -15.61
N PRO B 244 11.03 41.95 -16.43
CA PRO B 244 10.74 43.29 -15.93
C PRO B 244 9.31 43.40 -15.39
N LEU B 245 8.37 42.67 -15.99
CA LEU B 245 6.98 42.64 -15.52
C LEU B 245 6.90 41.98 -14.15
N LEU B 246 7.43 40.75 -14.08
CA LEU B 246 7.38 39.95 -12.86
C LEU B 246 8.01 40.67 -11.68
N ARG B 247 9.07 41.41 -11.95
CA ARG B 247 9.76 42.19 -10.92
C ARG B 247 8.89 43.34 -10.48
N ASN B 248 8.28 44.03 -11.44
CA ASN B 248 7.35 45.13 -11.13
C ASN B 248 6.23 44.64 -10.22
N ILE B 249 5.70 43.46 -10.48
CA ILE B 249 4.67 42.91 -9.61
C ILE B 249 5.22 42.63 -8.21
N LEU B 250 6.42 42.06 -8.14
CA LEU B 250 7.04 41.71 -6.87
C LEU B 250 7.30 42.95 -6.02
N HIS B 251 8.06 43.88 -6.59
CA HIS B 251 8.50 45.07 -5.87
C HIS B 251 7.37 46.07 -5.69
N GLN B 252 6.85 46.62 -6.78
CA GLN B 252 5.76 47.59 -6.69
C GLN B 252 4.51 47.05 -5.97
N GLY B 253 4.20 45.78 -6.17
CA GLY B 253 3.14 45.13 -5.44
C GLY B 253 3.34 45.13 -3.94
N GLN B 254 4.51 44.69 -3.49
CA GLN B 254 4.77 44.59 -2.06
C GLN B 254 4.76 46.00 -1.43
N GLU B 255 5.41 46.95 -2.08
CA GLU B 255 5.55 48.30 -1.58
C GLU B 255 4.18 49.01 -1.48
N ALA B 256 3.29 48.69 -2.40
CA ALA B 256 1.93 49.19 -2.37
C ALA B 256 1.18 48.63 -1.17
N ILE B 257 1.41 47.36 -0.83
CA ILE B 257 0.81 46.74 0.36
C ILE B 257 1.35 47.42 1.63
N LEU B 258 2.63 47.81 1.59
CA LEU B 258 3.27 48.47 2.72
C LEU B 258 2.65 49.85 2.92
N GLN B 259 2.39 50.55 1.83
CA GLN B 259 1.77 51.86 1.92
C GLN B 259 0.35 51.78 2.48
N ARG B 260 -0.46 50.87 1.93
CA ARG B 260 -1.91 50.86 2.15
C ARG B 260 -2.31 50.20 3.47
N TYR B 261 -1.64 49.12 3.82
CA TYR B 261 -2.00 48.31 4.97
C TYR B 261 -0.95 48.28 6.07
N ARG B 262 0.20 48.92 5.83
CA ARG B 262 1.32 48.93 6.78
C ARG B 262 1.89 47.53 7.05
N MET B 263 1.73 46.62 6.09
CA MET B 263 2.21 45.24 6.23
C MET B 263 3.52 45.12 5.45
N LYS B 264 4.60 44.78 6.16
CA LYS B 264 5.90 44.59 5.53
C LYS B 264 5.86 43.38 4.63
N GLY B 265 6.82 43.34 3.71
CA GLY B 265 6.90 42.31 2.70
C GLY B 265 7.28 40.94 3.23
N ASP B 266 7.89 40.89 4.41
CA ASP B 266 8.24 39.63 5.02
C ASP B 266 7.05 39.03 5.80
N HIS B 267 5.92 39.77 5.82
CA HIS B 267 4.64 39.22 6.26
C HIS B 267 3.83 38.65 5.08
N LEU B 268 4.41 38.64 3.89
CA LEU B 268 3.66 38.33 2.67
C LEU B 268 4.19 37.11 1.91
N ARG B 269 3.25 36.27 1.50
CA ARG B 269 3.48 35.15 0.61
C ARG B 269 2.97 35.58 -0.77
N VAL B 270 3.84 35.52 -1.76
CA VAL B 270 3.58 36.07 -3.09
C VAL B 270 3.89 35.00 -4.12
N TYR B 271 2.89 34.58 -4.88
CA TYR B 271 2.99 33.41 -5.72
C TYR B 271 1.98 33.33 -6.85
N LEU B 272 2.27 32.46 -7.81
CA LEU B 272 1.34 32.09 -8.85
C LEU B 272 0.77 30.68 -8.61
N HIS B 273 -0.43 30.46 -9.14
CA HIS B 273 -1.01 29.13 -9.21
C HIS B 273 -0.57 28.53 -10.53
N TYR B 274 -0.06 27.30 -10.52
CA TYR B 274 0.01 26.55 -11.76
C TYR B 274 -1.07 25.49 -11.84
N LEU B 275 -1.62 25.46 -13.05
CA LEU B 275 -3.03 25.35 -13.32
C LEU B 275 -3.71 26.42 -12.51
N PRO B 276 -3.71 27.62 -13.07
CA PRO B 276 -4.62 28.67 -12.59
C PRO B 276 -6.03 28.38 -13.14
N SER B 277 -7.05 28.88 -12.45
CA SER B 277 -8.43 28.74 -12.92
C SER B 277 -8.74 29.71 -14.04
N TYR B 278 -7.94 30.77 -14.16
CA TYR B 278 -8.17 31.81 -15.17
C TYR B 278 -6.86 32.07 -15.87
N TYR B 279 -6.88 32.00 -17.21
CA TYR B 279 -5.68 31.99 -18.02
C TYR B 279 -5.32 33.38 -18.52
N HIS B 280 -5.00 34.26 -17.57
CA HIS B 280 -4.43 35.56 -17.82
C HIS B 280 -3.60 35.91 -16.57
N LEU B 281 -2.28 35.93 -16.73
CA LEU B 281 -1.34 35.92 -15.62
C LEU B 281 -1.71 36.88 -14.50
N HIS B 282 -1.70 36.35 -13.29
CA HIS B 282 -1.96 37.16 -12.11
C HIS B 282 -1.28 36.54 -10.89
N VAL B 283 -0.85 37.41 -9.97
CA VAL B 283 -0.04 37.00 -8.84
C VAL B 283 -0.80 37.20 -7.53
N HIS B 284 -0.78 36.17 -6.68
CA HIS B 284 -1.47 36.18 -5.40
C HIS B 284 -0.60 36.75 -4.29
N PHE B 285 -1.19 37.58 -3.42
CA PHE B 285 -0.50 38.21 -2.30
C PHE B 285 -1.30 37.90 -1.04
N THR B 286 -0.81 37.03 -0.17
CA THR B 286 -1.52 36.71 1.06
C THR B 286 -0.67 36.92 2.28
N ALA B 287 -1.34 37.23 3.39
CA ALA B 287 -0.66 37.30 4.67
C ALA B 287 -0.02 35.93 4.85
N LEU B 288 1.25 35.92 5.25
CA LEU B 288 1.98 34.69 5.50
C LEU B 288 1.26 33.84 6.56
N GLY B 289 0.75 34.49 7.61
CA GLY B 289 0.02 33.80 8.66
C GLY B 289 -1.30 33.19 8.26
N PHE B 290 -1.78 33.53 7.06
CA PHE B 290 -3.00 32.93 6.48
C PHE B 290 -2.66 31.70 5.66
N GLU B 291 -3.06 30.53 6.13
CA GLU B 291 -2.89 29.30 5.36
C GLU B 291 -3.96 29.24 4.27
N ALA B 292 -3.68 29.89 3.15
CA ALA B 292 -4.70 30.08 2.14
C ALA B 292 -4.80 28.83 1.27
N PRO B 293 -6.03 28.40 0.95
CA PRO B 293 -6.22 27.35 -0.05
C PRO B 293 -5.47 27.71 -1.32
N GLY B 294 -4.84 26.74 -1.96
CA GLY B 294 -4.10 26.97 -3.17
C GLY B 294 -2.67 27.46 -2.95
N SER B 295 -2.22 27.48 -1.70
CA SER B 295 -0.87 27.91 -1.36
C SER B 295 0.05 26.73 -1.03
N GLY B 296 -0.45 25.50 -1.27
CA GLY B 296 0.34 24.30 -1.14
C GLY B 296 1.36 24.19 -2.27
N VAL B 297 2.43 23.44 -2.00
CA VAL B 297 3.52 23.27 -2.96
C VAL B 297 3.08 22.64 -4.31
N GLU B 298 1.99 21.90 -4.30
CA GLU B 298 1.48 21.27 -5.52
C GLU B 298 0.70 22.25 -6.41
N ARG B 299 0.58 23.50 -5.95
CA ARG B 299 -0.17 24.53 -6.66
C ARG B 299 0.61 25.85 -6.81
N ALA B 300 1.28 26.29 -5.75
CA ALA B 300 1.84 27.64 -5.68
C ALA B 300 3.32 27.67 -6.05
N HIS B 301 3.71 28.72 -6.75
CA HIS B 301 5.10 28.96 -7.12
C HIS B 301 5.45 30.39 -6.70
N LEU B 302 6.35 30.52 -5.73
CA LEU B 302 6.80 31.84 -5.26
C LEU B 302 7.35 32.73 -6.40
N LEU B 303 6.80 33.93 -6.54
CA LEU B 303 7.22 34.87 -7.59
C LEU B 303 8.74 35.09 -7.60
N ALA B 304 9.29 35.43 -6.43
CA ALA B 304 10.73 35.66 -6.30
C ALA B 304 11.52 34.49 -6.83
N GLU B 305 11.04 33.27 -6.58
CA GLU B 305 11.68 32.06 -7.10
C GLU B 305 11.48 31.86 -8.61
N VAL B 306 10.32 32.22 -9.14
CA VAL B 306 10.08 32.14 -10.57
C VAL B 306 11.04 33.08 -11.30
N ILE B 307 11.20 34.29 -10.77
CA ILE B 307 12.09 35.27 -11.37
C ILE B 307 13.51 34.72 -11.43
N GLU B 308 13.92 34.05 -10.36
CA GLU B 308 15.30 33.59 -10.27
C GLU B 308 15.52 32.36 -11.12
N ASN B 309 14.48 31.54 -11.25
CA ASN B 309 14.50 30.44 -12.20
C ASN B 309 14.78 30.96 -13.60
N LEU B 310 14.08 32.02 -13.99
CA LEU B 310 14.22 32.60 -15.32
C LEU B 310 15.60 33.21 -15.54
N GLU B 311 16.18 33.79 -14.49
CA GLU B 311 17.51 34.39 -14.56
C GLU B 311 18.61 33.34 -14.73
N CYS B 312 18.42 32.16 -14.16
CA CYS B 312 19.43 31.08 -14.23
C CYS B 312 19.27 30.22 -15.47
N ASP B 313 18.03 30.07 -15.92
CA ASP B 313 17.70 29.14 -16.99
C ASP B 313 16.52 29.69 -17.79
N PRO B 314 16.81 30.43 -18.85
CA PRO B 314 15.79 31.11 -19.66
C PRO B 314 14.65 30.23 -20.16
N ARG B 315 14.92 28.97 -20.45
CA ARG B 315 13.88 28.10 -20.98
C ARG B 315 13.23 27.22 -19.89
N HIS B 316 13.40 27.61 -18.63
CA HIS B 316 12.96 26.80 -17.47
C HIS B 316 11.50 26.36 -17.58
N TYR B 317 10.59 27.31 -17.73
CA TYR B 317 9.15 26.99 -17.76
C TYR B 317 8.61 26.40 -19.07
N GLN B 318 9.46 26.26 -20.09
CA GLN B 318 9.09 25.51 -21.30
C GLN B 318 9.65 24.09 -21.28
N GLN B 319 10.78 23.87 -20.60
CA GLN B 319 11.48 22.58 -20.64
C GLN B 319 11.19 21.68 -19.43
N ARG B 320 11.00 22.29 -18.26
CA ARG B 320 10.93 21.56 -17.00
C ARG B 320 9.56 20.98 -16.74
N THR B 321 9.52 20.02 -15.84
CA THR B 321 8.32 19.28 -15.51
C THR B 321 7.67 19.96 -14.33
N LEU B 322 6.38 20.30 -14.46
CA LEU B 322 5.65 20.93 -13.36
C LEU B 322 4.70 19.89 -12.73
N THR B 323 4.35 20.11 -11.47
CA THR B 323 3.54 19.17 -10.70
C THR B 323 2.31 19.88 -10.16
N PHE B 324 1.14 19.34 -10.47
CA PHE B 324 -0.13 19.92 -10.01
C PHE B 324 -1.16 18.84 -9.80
N ALA B 325 -2.28 19.22 -9.20
CA ALA B 325 -3.39 18.30 -8.97
C ALA B 325 -4.52 18.65 -9.90
N LEU B 326 -5.18 17.61 -10.38
CA LEU B 326 -6.37 17.71 -11.22
C LEU B 326 -7.49 16.93 -10.56
N ARG B 327 -8.73 17.38 -10.75
CA ARG B 327 -9.90 16.60 -10.35
C ARG B 327 -10.03 15.34 -11.20
N ALA B 328 -10.75 14.36 -10.67
CA ALA B 328 -11.00 13.11 -11.38
C ALA B 328 -11.97 13.32 -12.55
N ASP B 329 -12.88 14.28 -12.42
CA ASP B 329 -13.81 14.61 -13.51
C ASP B 329 -13.25 15.65 -14.50
N ASP B 330 -11.92 15.78 -14.54
CA ASP B 330 -11.26 16.68 -15.47
C ASP B 330 -10.75 15.87 -16.67
N PRO B 331 -11.26 16.16 -17.86
CA PRO B 331 -10.80 15.48 -19.09
C PRO B 331 -9.31 15.61 -19.35
N LEU B 332 -8.70 16.71 -18.90
CA LEU B 332 -7.24 16.90 -18.99
C LEU B 332 -6.45 15.78 -18.33
N LEU B 333 -6.89 15.36 -17.15
CA LEU B 333 -6.20 14.32 -16.40
C LEU B 333 -6.12 13.05 -17.23
N LYS B 334 -7.24 12.65 -17.84
CA LYS B 334 -7.25 11.45 -18.67
C LYS B 334 -6.33 11.59 -19.88
N LEU B 335 -6.40 12.72 -20.58
CA LEU B 335 -5.52 12.98 -21.73
C LEU B 335 -4.04 12.90 -21.35
N LEU B 336 -3.67 13.46 -20.21
CA LEU B 336 -2.28 13.40 -19.77
C LEU B 336 -1.87 11.97 -19.40
N GLN B 337 -2.77 11.26 -18.72
CA GLN B 337 -2.48 9.91 -18.22
C GLN B 337 -2.29 8.94 -19.38
N GLU B 338 -3.12 9.07 -20.41
CA GLU B 338 -3.01 8.27 -21.63
C GLU B 338 -1.68 8.52 -22.36
N ALA B 339 -1.23 9.78 -22.36
CA ALA B 339 0.05 10.13 -22.97
C ALA B 339 1.25 9.61 -22.17
N GLN B 340 1.07 9.35 -20.88
CA GLN B 340 2.17 8.89 -20.01
C GLN B 340 2.14 7.36 -19.74
N GLN B 341 1.19 6.65 -20.36
CA GLN B 341 1.10 5.19 -20.29
C GLN B 341 1.28 4.60 -21.69
N PRO C 44 23.50 -40.53 -30.17
CA PRO C 44 24.42 -40.41 -31.34
C PRO C 44 24.29 -39.08 -32.12
N VAL C 45 24.28 -37.97 -31.38
CA VAL C 45 24.38 -36.59 -31.90
C VAL C 45 23.32 -36.14 -32.92
N ARG C 46 22.64 -35.04 -32.57
CA ARG C 46 21.52 -34.52 -33.36
C ARG C 46 21.26 -33.02 -33.12
N LEU C 47 20.50 -32.40 -34.02
CA LEU C 47 20.02 -31.02 -33.84
C LEU C 47 18.50 -30.94 -34.14
N PRO C 48 17.85 -29.83 -33.79
CA PRO C 48 16.43 -29.62 -34.13
C PRO C 48 16.10 -28.68 -35.32
N PHE C 49 16.32 -27.36 -35.19
CA PHE C 49 15.98 -26.37 -36.24
C PHE C 49 16.86 -25.13 -36.15
N SER C 50 16.72 -24.23 -37.12
CA SER C 50 17.53 -23.01 -37.18
C SER C 50 17.06 -21.95 -36.20
N GLY C 51 17.96 -21.53 -35.30
CA GLY C 51 17.72 -20.41 -34.41
C GLY C 51 16.69 -20.65 -33.32
N PHE C 52 16.83 -19.92 -32.22
CA PHE C 52 15.80 -19.89 -31.18
C PHE C 52 15.83 -18.57 -30.43
N ARG C 53 14.69 -17.88 -30.45
CA ARG C 53 14.55 -16.56 -29.83
C ARG C 53 13.39 -16.59 -28.84
N LEU C 54 13.70 -16.55 -27.54
CA LEU C 54 12.68 -16.66 -26.50
C LEU C 54 11.66 -15.50 -26.54
N GLN C 55 10.44 -15.83 -26.95
CA GLN C 55 9.34 -14.86 -26.99
C GLN C 55 8.69 -14.75 -25.60
N LYS C 56 8.30 -15.88 -25.03
CA LYS C 56 7.66 -15.91 -23.71
C LYS C 56 7.73 -17.29 -23.05
N VAL C 57 7.87 -17.31 -21.72
CA VAL C 57 7.81 -18.55 -20.96
C VAL C 57 6.34 -18.88 -20.76
N LEU C 58 5.87 -19.89 -21.49
CA LEU C 58 4.47 -20.34 -21.45
C LEU C 58 4.04 -20.74 -20.05
N ARG C 59 4.74 -21.74 -19.52
CA ARG C 59 4.47 -22.31 -18.20
C ARG C 59 5.79 -22.62 -17.52
N GLU C 60 5.75 -22.73 -16.21
CA GLU C 60 6.95 -22.91 -15.42
C GLU C 60 6.54 -23.50 -14.06
N SER C 61 7.18 -24.59 -13.64
CA SER C 61 6.95 -25.17 -12.32
C SER C 61 8.25 -25.56 -11.67
N ALA C 62 8.61 -24.85 -10.60
CA ALA C 62 9.81 -25.12 -9.83
C ALA C 62 9.63 -26.35 -8.96
N ARG C 63 8.38 -26.75 -8.72
CA ARG C 63 8.08 -27.99 -8.00
C ARG C 63 8.47 -29.22 -8.81
N ASP C 64 8.06 -29.27 -10.08
CA ASP C 64 8.31 -30.43 -10.95
C ASP C 64 9.55 -30.28 -11.82
N LYS C 65 10.26 -29.17 -11.66
CA LYS C 65 11.54 -28.93 -12.36
C LYS C 65 11.38 -28.96 -13.88
N ILE C 66 10.33 -28.29 -14.37
CA ILE C 66 10.00 -28.25 -15.80
C ILE C 66 9.86 -26.79 -16.25
N ILE C 67 9.99 -26.56 -17.55
CA ILE C 67 9.76 -25.24 -18.14
C ILE C 67 9.31 -25.38 -19.60
N PHE C 68 8.35 -24.55 -19.98
CA PHE C 68 7.76 -24.57 -21.33
C PHE C 68 8.11 -23.26 -22.00
N LEU C 69 9.01 -23.30 -22.97
CA LEU C 69 9.41 -22.11 -23.69
C LEU C 69 8.70 -22.02 -25.03
N HIS C 70 8.36 -20.80 -25.44
CA HIS C 70 7.78 -20.53 -26.76
C HIS C 70 8.72 -19.55 -27.45
N GLY C 71 9.30 -19.96 -28.57
CA GLY C 71 10.29 -19.15 -29.25
C GLY C 71 10.11 -19.03 -30.75
N LYS C 72 11.14 -18.49 -31.40
CA LYS C 72 11.19 -18.33 -32.85
C LYS C 72 12.48 -18.96 -33.39
N GLY C 82 15.16 -18.98 -37.60
CA GLY C 82 14.11 -18.94 -36.58
C GLY C 82 12.76 -19.38 -37.11
N GLU C 83 12.01 -20.10 -36.28
CA GLU C 83 10.62 -20.49 -36.56
C GLU C 83 9.81 -20.78 -35.28
N ASP C 84 8.50 -20.53 -35.32
CA ASP C 84 7.61 -20.71 -34.16
C ASP C 84 7.57 -22.17 -33.60
N ALA C 85 8.11 -22.35 -32.40
CA ALA C 85 8.24 -23.68 -31.78
C ALA C 85 8.16 -23.65 -30.25
N VAL C 86 7.86 -24.79 -29.66
CA VAL C 86 7.81 -24.96 -28.20
C VAL C 86 8.91 -25.93 -27.76
N VAL C 87 9.75 -25.51 -26.81
CA VAL C 87 10.76 -26.39 -26.22
C VAL C 87 10.46 -26.64 -24.75
N ILE C 88 10.31 -27.92 -24.38
CA ILE C 88 9.99 -28.30 -23.01
C ILE C 88 11.16 -29.00 -22.35
N LEU C 89 11.87 -28.28 -21.47
CA LEU C 89 12.97 -28.86 -20.67
C LEU C 89 12.45 -29.31 -19.32
N GLU C 90 12.82 -30.53 -18.93
CA GLU C 90 12.39 -31.14 -17.69
C GLU C 90 13.58 -31.89 -17.10
N LYS C 91 13.92 -31.61 -15.84
CA LYS C 91 15.00 -32.35 -15.19
C LYS C 91 14.53 -33.79 -15.01
N THR C 92 15.47 -34.70 -14.83
CA THR C 92 15.14 -36.11 -14.75
C THR C 92 15.26 -36.64 -13.34
N PRO C 93 14.54 -37.73 -13.06
CA PRO C 93 14.70 -38.46 -11.81
C PRO C 93 16.14 -38.90 -11.52
N PHE C 94 16.44 -39.05 -10.24
CA PHE C 94 17.70 -39.65 -9.80
C PHE C 94 17.58 -41.16 -9.91
N GLN C 95 18.71 -41.83 -10.09
CA GLN C 95 18.81 -43.29 -9.92
C GLN C 95 19.66 -43.58 -8.69
N VAL C 96 19.22 -44.54 -7.87
CA VAL C 96 19.85 -44.81 -6.57
C VAL C 96 21.29 -45.27 -6.70
N GLU C 97 21.53 -46.20 -7.63
CA GLU C 97 22.87 -46.70 -7.90
C GLU C 97 23.83 -45.54 -8.16
N GLN C 98 23.43 -44.62 -9.04
CA GLN C 98 24.28 -43.52 -9.46
C GLN C 98 24.59 -42.52 -8.33
N VAL C 99 23.63 -42.31 -7.43
CA VAL C 99 23.78 -41.35 -6.35
C VAL C 99 24.67 -41.90 -5.23
N ALA C 100 24.46 -43.16 -4.87
CA ALA C 100 25.26 -43.80 -3.80
C ALA C 100 26.71 -43.96 -4.20
N GLN C 101 26.97 -44.19 -5.49
CA GLN C 101 28.32 -44.22 -6.02
C GLN C 101 28.94 -42.82 -6.06
N LEU C 102 28.09 -41.79 -6.22
CA LEU C 102 28.55 -40.40 -6.21
C LEU C 102 28.92 -39.91 -4.80
N LEU C 103 28.20 -40.37 -3.78
CA LEU C 103 28.42 -39.89 -2.41
C LEU C 103 29.60 -40.55 -1.72
N THR C 104 30.09 -41.66 -2.30
CA THR C 104 31.32 -42.30 -1.85
C THR C 104 32.50 -41.91 -2.76
N GLY C 105 32.49 -40.69 -3.26
CA GLY C 105 33.56 -40.21 -4.13
C GLY C 105 34.03 -38.80 -3.78
N SER C 106 33.77 -38.38 -2.53
CA SER C 106 34.07 -37.01 -2.10
C SER C 106 33.64 -36.02 -3.19
N PRO C 107 32.33 -35.88 -3.41
CA PRO C 107 31.81 -35.07 -4.53
C PRO C 107 32.28 -33.61 -4.54
N GLU C 108 32.20 -32.98 -5.71
CA GLU C 108 32.57 -31.57 -5.87
C GLU C 108 31.43 -30.69 -5.38
N LEU C 109 31.57 -30.20 -4.15
CA LEU C 109 30.52 -29.44 -3.47
C LEU C 109 30.91 -28.00 -3.21
N GLN C 110 29.90 -27.15 -3.10
CA GLN C 110 30.05 -25.73 -2.81
C GLN C 110 29.12 -25.40 -1.66
N LEU C 111 29.65 -24.84 -0.57
CA LEU C 111 28.83 -24.53 0.61
C LEU C 111 27.85 -23.41 0.30
N GLN C 112 26.60 -23.59 0.70
CA GLN C 112 25.62 -22.51 0.75
C GLN C 112 25.53 -21.99 2.20
N PHE C 113 25.22 -22.88 3.14
CA PHE C 113 25.23 -22.52 4.57
C PHE C 113 25.16 -23.74 5.49
N SER C 114 25.52 -23.53 6.75
CA SER C 114 25.36 -24.54 7.78
C SER C 114 24.73 -23.93 9.02
N ASN C 115 24.17 -24.81 9.86
CA ASN C 115 23.51 -24.42 11.09
C ASN C 115 23.31 -25.69 11.88
N ASP C 116 24.15 -25.89 12.88
CA ASP C 116 24.03 -27.06 13.76
C ASP C 116 24.29 -28.32 12.94
N ILE C 117 23.35 -29.26 12.95
CA ILE C 117 23.46 -30.51 12.24
C ILE C 117 23.06 -30.39 10.76
N TYR C 118 22.61 -29.21 10.34
CA TYR C 118 22.11 -28.99 8.97
C TYR C 118 23.07 -28.21 8.09
N SER C 119 23.13 -28.59 6.82
CA SER C 119 23.98 -27.92 5.85
C SER C 119 23.49 -28.18 4.44
N THR C 120 23.46 -27.15 3.61
CA THR C 120 23.15 -27.33 2.18
C THR C 120 24.31 -26.93 1.31
N TYR C 121 24.31 -27.48 0.10
CA TYR C 121 25.39 -27.30 -0.86
C TYR C 121 24.83 -27.28 -2.28
N HIS C 122 25.58 -26.64 -3.18
CA HIS C 122 25.38 -26.79 -4.62
C HIS C 122 26.27 -27.94 -5.10
N LEU C 123 25.71 -28.82 -5.92
CA LEU C 123 26.44 -29.98 -6.39
C LEU C 123 26.42 -30.04 -7.91
N PHE C 124 27.58 -30.30 -8.50
CA PHE C 124 27.72 -30.36 -9.94
C PHE C 124 28.22 -31.74 -10.32
N PRO C 125 27.30 -32.68 -10.52
CA PRO C 125 27.67 -34.09 -10.66
C PRO C 125 28.17 -34.42 -12.06
N PRO C 126 28.76 -35.60 -12.24
CA PRO C 126 29.18 -36.06 -13.56
C PRO C 126 28.02 -36.10 -14.56
N ARG C 127 28.38 -36.07 -15.85
CA ARG C 127 27.42 -36.14 -16.96
C ARG C 127 26.26 -37.14 -16.79
N GLN C 128 26.49 -38.20 -16.02
CA GLN C 128 25.53 -39.29 -15.85
C GLN C 128 24.17 -38.82 -15.31
N LEU C 129 24.19 -37.91 -14.34
CA LEU C 129 22.97 -37.43 -13.65
C LEU C 129 22.39 -36.14 -14.24
N ASN C 130 23.02 -35.59 -15.27
CA ASN C 130 22.65 -34.28 -15.81
C ASN C 130 21.62 -34.29 -16.95
N ASP C 131 21.08 -35.46 -17.30
CA ASP C 131 20.14 -35.62 -18.42
C ASP C 131 18.88 -34.76 -18.24
N VAL C 132 18.53 -34.03 -19.30
CA VAL C 132 17.35 -33.17 -19.34
C VAL C 132 16.41 -33.62 -20.47
N LYS C 133 15.21 -34.06 -20.09
CA LYS C 133 14.17 -34.40 -21.06
C LYS C 133 13.77 -33.14 -21.85
N THR C 134 14.03 -33.17 -23.15
CA THR C 134 13.73 -32.05 -24.05
C THR C 134 12.65 -32.47 -25.04
N THR C 135 11.54 -31.76 -25.07
CA THR C 135 10.47 -32.01 -26.03
C THR C 135 10.35 -30.80 -26.94
N VAL C 136 9.94 -31.03 -28.19
CA VAL C 136 9.92 -29.99 -29.20
C VAL C 136 8.68 -30.16 -30.06
N VAL C 137 7.78 -29.18 -30.00
CA VAL C 137 6.54 -29.21 -30.76
C VAL C 137 6.67 -28.22 -31.90
N TYR C 138 7.13 -28.70 -33.05
CA TYR C 138 7.36 -27.87 -34.23
C TYR C 138 6.78 -28.51 -35.50
N PRO C 139 6.14 -27.72 -36.37
CA PRO C 139 5.76 -26.33 -36.08
C PRO C 139 4.59 -26.23 -35.09
N ALA C 140 4.65 -25.24 -34.19
CA ALA C 140 3.59 -25.01 -33.20
C ALA C 140 2.51 -24.10 -33.77
N THR C 141 1.27 -24.54 -33.64
CA THR C 141 0.12 -23.74 -34.06
C THR C 141 -0.39 -22.96 -32.83
N GLU C 142 -1.49 -22.23 -32.98
CA GLU C 142 -2.09 -21.50 -31.86
C GLU C 142 -2.81 -22.45 -30.90
N LYS C 143 -3.35 -23.55 -31.42
CA LYS C 143 -3.94 -24.61 -30.60
C LYS C 143 -2.97 -25.13 -29.53
N HIS C 144 -1.70 -25.30 -29.90
CA HIS C 144 -0.64 -25.78 -29.00
C HIS C 144 -0.05 -24.64 -28.15
N LEU C 145 0.02 -23.45 -28.75
CA LEU C 145 0.51 -22.25 -28.07
C LEU C 145 -0.39 -21.86 -26.88
N GLN C 146 -1.69 -22.12 -27.02
CA GLN C 146 -2.69 -21.76 -26.02
C GLN C 146 -2.95 -22.91 -25.03
N LYS C 147 -2.59 -24.14 -25.42
CA LYS C 147 -2.72 -25.30 -24.55
C LYS C 147 -1.61 -25.33 -23.48
N TYR C 148 -0.50 -24.65 -23.75
CA TYR C 148 0.64 -24.62 -22.81
C TYR C 148 0.74 -23.33 -22.00
N LEU C 149 0.17 -22.24 -22.52
CA LEU C 149 0.28 -20.91 -21.89
C LEU C 149 -0.55 -20.82 -20.60
N ARG C 150 0.13 -20.79 -19.47
CA ARG C 150 -0.52 -20.52 -18.19
C ARG C 150 -0.06 -19.16 -17.67
N GLN C 151 -1.03 -18.32 -17.33
CA GLN C 151 -0.77 -16.99 -16.81
C GLN C 151 -0.24 -17.06 -15.38
N ASP C 152 0.68 -16.17 -15.02
CA ASP C 152 1.19 -16.14 -13.66
C ASP C 152 0.08 -15.69 -12.74
N LEU C 153 0.08 -16.20 -11.52
CA LEU C 153 -1.02 -15.94 -10.58
C LEU C 153 -0.73 -14.74 -9.68
N ARG C 154 -1.80 -14.08 -9.24
CA ARG C 154 -1.74 -12.97 -8.30
C ARG C 154 -2.76 -13.18 -7.19
N LEU C 155 -2.39 -12.85 -5.95
CA LEU C 155 -3.29 -13.02 -4.82
C LEU C 155 -4.23 -11.83 -4.69
N ILE C 156 -5.43 -12.09 -4.17
CA ILE C 156 -6.37 -11.05 -3.83
C ILE C 156 -7.19 -11.44 -2.58
N ARG C 157 -7.48 -10.46 -1.73
CA ARG C 157 -8.25 -10.67 -0.51
C ARG C 157 -9.58 -9.94 -0.65
N GLU C 158 -10.66 -10.71 -0.70
CA GLU C 158 -11.98 -10.23 -1.06
C GLU C 158 -12.87 -10.18 0.17
N THR C 159 -13.22 -8.97 0.62
CA THR C 159 -14.14 -8.80 1.73
C THR C 159 -15.54 -9.16 1.29
N GLY C 160 -16.42 -9.36 2.27
CA GLY C 160 -17.83 -9.58 2.01
C GLY C 160 -18.42 -8.56 1.06
N ASP C 161 -18.11 -7.28 1.28
CA ASP C 161 -18.61 -6.20 0.43
C ASP C 161 -17.97 -6.25 -0.95
N ASP C 162 -16.68 -6.61 -1.04
CA ASP C 162 -16.00 -6.74 -2.32
C ASP C 162 -16.73 -7.73 -3.21
N TYR C 163 -17.20 -8.82 -2.61
CA TYR C 163 -17.93 -9.85 -3.35
C TYR C 163 -19.27 -9.32 -3.88
N ARG C 164 -20.02 -8.59 -3.04
CA ARG C 164 -21.34 -8.07 -3.44
C ARG C 164 -21.27 -6.91 -4.45
N ASN C 165 -20.25 -6.06 -4.31
CA ASN C 165 -20.10 -4.85 -5.13
C ASN C 165 -19.32 -5.06 -6.43
N ILE C 166 -18.40 -6.02 -6.44
CA ILE C 166 -17.49 -6.20 -7.58
C ILE C 166 -17.57 -7.57 -8.21
N THR C 167 -17.40 -8.63 -7.42
CA THR C 167 -17.28 -9.98 -7.94
C THR C 167 -18.61 -10.51 -8.45
N LEU C 168 -19.64 -10.41 -7.64
CA LEU C 168 -20.95 -10.94 -7.97
C LEU C 168 -21.58 -10.27 -9.21
N PRO C 169 -21.63 -8.94 -9.29
CA PRO C 169 -22.10 -8.28 -10.53
C PRO C 169 -21.31 -8.73 -11.74
N HIS C 170 -19.98 -8.84 -11.62
CA HIS C 170 -19.15 -9.31 -12.74
C HIS C 170 -19.46 -10.77 -13.12
N LEU C 171 -19.87 -11.55 -12.13
CA LEU C 171 -20.17 -12.96 -12.29
C LEU C 171 -21.51 -13.19 -13.02
N GLU C 172 -22.43 -12.22 -12.89
CA GLU C 172 -23.74 -12.26 -13.55
C GLU C 172 -23.60 -11.78 -15.00
N SER C 173 -22.65 -10.88 -15.24
CA SER C 173 -22.31 -10.41 -16.59
C SER C 173 -21.74 -11.53 -17.46
N GLN C 174 -21.10 -12.51 -16.84
CA GLN C 174 -20.52 -13.62 -17.59
C GLN C 174 -21.64 -14.56 -18.02
N SER C 175 -21.81 -14.74 -19.33
CA SER C 175 -22.83 -15.65 -19.87
C SER C 175 -22.25 -17.06 -19.83
N LEU C 176 -22.18 -17.61 -18.62
CA LEU C 176 -21.53 -18.90 -18.39
C LEU C 176 -22.41 -20.04 -18.91
N SER C 177 -21.78 -21.09 -19.42
CA SER C 177 -22.49 -22.32 -19.79
C SER C 177 -21.93 -23.49 -18.98
N ILE C 178 -22.76 -24.03 -18.10
CA ILE C 178 -22.44 -25.22 -17.33
C ILE C 178 -23.43 -26.32 -17.74
N GLN C 179 -23.75 -26.37 -19.02
CA GLN C 179 -24.69 -27.37 -19.54
C GLN C 179 -24.17 -28.79 -19.34
N TRP C 180 -22.85 -28.98 -19.36
CA TRP C 180 -22.25 -30.29 -19.14
C TRP C 180 -22.48 -30.81 -17.72
N VAL C 181 -22.59 -29.91 -16.75
CA VAL C 181 -22.89 -30.27 -15.37
C VAL C 181 -24.30 -30.80 -15.25
N TYR C 182 -25.24 -30.07 -15.85
CA TYR C 182 -26.64 -30.44 -15.85
C TYR C 182 -26.84 -31.79 -16.54
N ASN C 183 -26.05 -32.04 -17.58
CA ASN C 183 -26.11 -33.28 -18.33
C ASN C 183 -25.72 -34.50 -17.45
N ILE C 184 -24.74 -34.33 -16.57
CA ILE C 184 -24.41 -35.37 -15.57
C ILE C 184 -25.57 -35.55 -14.59
N LEU C 185 -26.20 -34.44 -14.23
CA LEU C 185 -27.23 -34.43 -13.19
C LEU C 185 -28.51 -35.13 -13.62
N ASP C 186 -28.94 -34.90 -14.85
CA ASP C 186 -30.11 -35.62 -15.36
C ASP C 186 -29.69 -36.80 -16.26
N LYS C 187 -28.43 -37.21 -16.12
CA LYS C 187 -27.93 -38.49 -16.63
C LYS C 187 -27.78 -38.60 -18.16
N LYS C 188 -27.93 -37.49 -18.88
CA LYS C 188 -27.71 -37.45 -20.33
C LYS C 188 -26.25 -37.71 -20.74
N ALA C 189 -25.31 -37.41 -19.83
CA ALA C 189 -23.91 -37.77 -20.02
C ALA C 189 -23.33 -38.44 -18.76
N GLU C 190 -22.37 -39.34 -18.99
CA GLU C 190 -21.49 -39.88 -17.94
C GLU C 190 -22.17 -40.78 -16.91
N ALA C 191 -23.35 -41.27 -17.24
CA ALA C 191 -24.14 -42.08 -16.32
C ALA C 191 -23.44 -43.39 -15.94
N ASP C 192 -22.63 -43.93 -16.84
CA ASP C 192 -21.82 -45.12 -16.55
C ASP C 192 -20.76 -44.87 -15.48
N ARG C 193 -20.43 -43.61 -15.29
CA ARG C 193 -19.39 -43.18 -14.35
C ARG C 193 -19.92 -42.89 -12.96
N ILE C 194 -21.24 -42.85 -12.77
CA ILE C 194 -21.78 -42.53 -11.43
C ILE C 194 -21.46 -43.63 -10.42
N VAL C 195 -20.74 -43.22 -9.36
CA VAL C 195 -20.37 -44.09 -8.25
C VAL C 195 -21.50 -44.16 -7.21
N PHE C 196 -22.11 -43.01 -6.93
CA PHE C 196 -23.09 -42.86 -5.86
C PHE C 196 -23.98 -41.65 -6.14
N GLU C 197 -25.25 -41.76 -5.78
CA GLU C 197 -26.19 -40.66 -5.94
C GLU C 197 -27.21 -40.63 -4.82
N ASN C 198 -27.33 -39.47 -4.19
CA ASN C 198 -28.51 -39.11 -3.40
C ASN C 198 -29.39 -38.25 -4.32
N PRO C 199 -30.58 -38.73 -4.69
CA PRO C 199 -31.41 -38.05 -5.70
C PRO C 199 -32.25 -36.88 -5.18
N ASP C 200 -32.16 -36.61 -3.88
CA ASP C 200 -32.93 -35.51 -3.30
C ASP C 200 -32.63 -34.23 -4.10
N PRO C 201 -33.68 -33.53 -4.56
CA PRO C 201 -33.50 -32.29 -5.32
C PRO C 201 -32.84 -31.16 -4.53
N SER C 202 -32.93 -31.17 -3.21
CA SER C 202 -32.33 -30.12 -2.40
C SER C 202 -30.98 -30.49 -1.77
N ASP C 203 -30.93 -31.66 -1.12
CA ASP C 203 -29.78 -32.07 -0.32
C ASP C 203 -29.00 -33.18 -0.98
N GLY C 204 -29.28 -33.45 -2.24
CA GLY C 204 -28.67 -34.58 -2.93
C GLY C 204 -27.52 -34.18 -3.82
N PHE C 205 -26.86 -35.18 -4.37
CA PHE C 205 -25.66 -34.97 -5.19
C PHE C 205 -25.33 -36.22 -6.01
N VAL C 206 -24.42 -36.05 -6.97
CA VAL C 206 -23.90 -37.15 -7.78
C VAL C 206 -22.37 -37.15 -7.65
N LEU C 207 -21.82 -38.31 -7.32
CA LEU C 207 -20.39 -38.50 -7.11
C LEU C 207 -19.87 -39.25 -8.32
N ILE C 208 -18.91 -38.66 -9.02
CA ILE C 208 -18.33 -39.23 -10.25
C ILE C 208 -16.81 -39.10 -10.21
N PRO C 209 -16.09 -40.00 -10.87
CA PRO C 209 -14.63 -39.86 -10.96
C PRO C 209 -14.24 -38.64 -11.79
N ASP C 210 -13.24 -37.91 -11.32
CA ASP C 210 -12.52 -36.92 -12.11
C ASP C 210 -12.21 -37.46 -13.51
N LEU C 211 -12.28 -36.59 -14.51
CA LEU C 211 -11.98 -36.99 -15.90
C LEU C 211 -10.60 -37.63 -16.09
N LYS C 212 -9.60 -37.11 -15.38
CA LYS C 212 -8.24 -37.63 -15.53
C LYS C 212 -7.77 -38.62 -14.44
N TRP C 213 -8.72 -39.27 -13.76
CA TRP C 213 -8.42 -40.46 -12.95
C TRP C 213 -8.97 -41.72 -13.64
N ASN C 214 -8.09 -42.67 -13.95
CA ASN C 214 -8.47 -43.86 -14.71
C ASN C 214 -8.87 -45.06 -13.84
N GLN C 215 -8.88 -44.88 -12.52
CA GLN C 215 -9.37 -45.90 -11.59
C GLN C 215 -8.54 -47.19 -11.51
N GLN C 216 -7.39 -47.21 -12.16
CA GLN C 216 -6.51 -48.38 -12.14
C GLN C 216 -5.58 -48.43 -10.92
N GLN C 217 -5.68 -47.44 -10.04
CA GLN C 217 -4.99 -47.43 -8.75
C GLN C 217 -5.56 -46.41 -7.78
N LEU C 218 -5.35 -46.64 -6.49
CA LEU C 218 -5.91 -45.80 -5.43
C LEU C 218 -4.99 -44.63 -5.06
N ASP C 219 -3.74 -44.65 -5.52
CA ASP C 219 -2.76 -43.64 -5.12
C ASP C 219 -3.23 -42.23 -5.47
N ASP C 220 -3.93 -42.10 -6.60
CA ASP C 220 -4.37 -40.80 -7.13
C ASP C 220 -5.90 -40.76 -7.28
N LEU C 221 -6.60 -41.44 -6.38
CA LEU C 221 -8.05 -41.41 -6.34
C LEU C 221 -8.54 -39.98 -6.31
N TYR C 222 -9.48 -39.67 -7.20
CA TYR C 222 -9.97 -38.32 -7.39
C TYR C 222 -11.41 -38.37 -7.89
N LEU C 223 -12.33 -37.91 -7.05
CA LEU C 223 -13.75 -37.84 -7.39
C LEU C 223 -14.30 -36.47 -7.10
N ILE C 224 -15.37 -36.11 -7.79
CA ILE C 224 -16.09 -34.87 -7.54
C ILE C 224 -17.53 -35.21 -7.22
N ALA C 225 -18.12 -34.46 -6.29
CA ALA C 225 -19.54 -34.53 -6.02
C ALA C 225 -20.18 -33.24 -6.51
N ILE C 226 -21.18 -33.37 -7.39
CA ILE C 226 -21.96 -32.23 -7.86
C ILE C 226 -23.33 -32.25 -7.20
N CYS C 227 -23.74 -31.14 -6.58
CA CYS C 227 -25.06 -31.11 -5.95
C CYS C 227 -26.15 -31.00 -7.01
N HIS C 228 -27.28 -31.65 -6.77
CA HIS C 228 -28.44 -31.62 -7.67
C HIS C 228 -29.07 -30.24 -7.74
N ARG C 229 -29.07 -29.53 -6.61
CA ARG C 229 -29.73 -28.24 -6.51
C ARG C 229 -28.98 -27.15 -7.29
N ARG C 230 -29.74 -26.30 -7.98
CA ARG C 230 -29.20 -25.21 -8.80
C ARG C 230 -29.16 -23.91 -8.00
N GLY C 231 -28.38 -22.95 -8.48
CA GLY C 231 -28.31 -21.65 -7.83
C GLY C 231 -27.26 -21.51 -6.74
N ILE C 232 -26.64 -22.60 -6.32
CA ILE C 232 -25.52 -22.54 -5.37
C ILE C 232 -24.20 -22.32 -6.14
N ARG C 233 -23.83 -21.06 -6.34
CA ARG C 233 -22.69 -20.72 -7.19
C ARG C 233 -21.32 -21.09 -6.58
N SER C 234 -21.15 -20.84 -5.28
CA SER C 234 -19.88 -21.12 -4.62
C SER C 234 -20.01 -21.04 -3.11
N LEU C 235 -18.86 -21.11 -2.46
CA LEU C 235 -18.75 -20.84 -1.02
C LEU C 235 -19.59 -19.66 -0.52
N ARG C 236 -19.60 -18.57 -1.28
CA ARG C 236 -20.33 -17.33 -0.94
C ARG C 236 -21.83 -17.45 -0.72
N ASP C 237 -22.45 -18.41 -1.37
CA ASP C 237 -23.87 -18.67 -1.20
C ASP C 237 -24.21 -19.61 -0.04
N LEU C 238 -23.22 -20.14 0.65
CA LEU C 238 -23.48 -21.14 1.68
C LEU C 238 -23.97 -20.51 3.00
N THR C 239 -25.12 -20.99 3.44
CA THR C 239 -25.71 -20.64 4.73
C THR C 239 -26.04 -21.95 5.49
N PRO C 240 -26.55 -21.86 6.74
CA PRO C 240 -27.04 -23.05 7.44
C PRO C 240 -28.13 -23.84 6.68
N GLU C 241 -28.78 -23.20 5.72
CA GLU C 241 -29.74 -23.87 4.84
C GLU C 241 -29.11 -25.09 4.15
N HIS C 242 -27.83 -24.94 3.81
CA HIS C 242 -27.09 -25.91 3.04
C HIS C 242 -26.43 -26.98 3.86
N LEU C 243 -26.54 -26.88 5.18
CA LEU C 243 -25.89 -27.82 6.10
C LEU C 243 -26.26 -29.27 5.81
N PRO C 244 -27.54 -29.61 5.72
CA PRO C 244 -27.92 -30.99 5.33
C PRO C 244 -27.30 -31.45 4.02
N LEU C 245 -27.29 -30.58 3.01
CA LEU C 245 -26.63 -30.90 1.75
C LEU C 245 -25.14 -31.16 1.93
N LEU C 246 -24.45 -30.29 2.67
CA LEU C 246 -23.00 -30.43 2.83
C LEU C 246 -22.67 -31.64 3.74
N ARG C 247 -23.55 -31.95 4.68
CA ARG C 247 -23.37 -33.11 5.54
C ARG C 247 -23.58 -34.38 4.71
N ASN C 248 -24.59 -34.35 3.83
CA ASN C 248 -24.83 -35.47 2.94
C ASN C 248 -23.58 -35.71 2.07
N ILE C 249 -22.99 -34.64 1.52
CA ILE C 249 -21.84 -34.80 0.60
C ILE C 249 -20.63 -35.35 1.35
N LEU C 250 -20.36 -34.83 2.54
CA LEU C 250 -19.20 -35.27 3.33
C LEU C 250 -19.32 -36.75 3.72
N HIS C 251 -20.44 -37.11 4.34
CA HIS C 251 -20.53 -38.38 5.03
C HIS C 251 -21.04 -39.50 4.15
N GLN C 252 -22.01 -39.23 3.27
CA GLN C 252 -22.43 -40.22 2.27
C GLN C 252 -21.34 -40.37 1.22
N GLY C 253 -20.68 -39.27 0.89
CA GLY C 253 -19.58 -39.28 -0.04
C GLY C 253 -18.51 -40.20 0.47
N GLN C 254 -18.15 -40.02 1.74
CA GLN C 254 -17.14 -40.85 2.40
C GLN C 254 -17.57 -42.32 2.51
N GLU C 255 -18.82 -42.57 2.86
CA GLU C 255 -19.30 -43.94 3.03
C GLU C 255 -19.28 -44.67 1.67
N ALA C 256 -19.58 -43.93 0.61
CA ALA C 256 -19.59 -44.47 -0.75
C ALA C 256 -18.18 -44.79 -1.24
N ILE C 257 -17.21 -43.99 -0.83
CA ILE C 257 -15.82 -44.20 -1.19
C ILE C 257 -15.30 -45.44 -0.46
N LEU C 258 -15.72 -45.60 0.80
CA LEU C 258 -15.34 -46.78 1.58
C LEU C 258 -15.87 -48.08 0.96
N GLN C 259 -17.13 -48.10 0.51
CA GLN C 259 -17.70 -49.29 -0.13
C GLN C 259 -16.98 -49.64 -1.44
N ARG C 260 -16.92 -48.66 -2.31
CA ARG C 260 -16.50 -48.86 -3.69
C ARG C 260 -15.02 -49.10 -3.81
N TYR C 261 -14.20 -48.37 -3.04
CA TYR C 261 -12.74 -48.40 -3.18
C TYR C 261 -11.96 -48.87 -1.93
N ARG C 262 -12.68 -49.22 -0.87
CA ARG C 262 -12.08 -49.65 0.39
C ARG C 262 -11.15 -48.58 0.98
N MET C 263 -11.44 -47.31 0.72
CA MET C 263 -10.60 -46.21 1.22
C MET C 263 -11.26 -45.51 2.40
N LYS C 264 -10.62 -45.59 3.57
CA LYS C 264 -11.14 -45.00 4.81
C LYS C 264 -11.22 -43.48 4.69
N GLY C 265 -12.04 -42.89 5.54
CA GLY C 265 -12.22 -41.46 5.57
C GLY C 265 -10.96 -40.68 5.90
N ASP C 266 -10.12 -41.26 6.75
CA ASP C 266 -8.85 -40.62 7.09
C ASP C 266 -7.76 -40.74 6.00
N HIS C 267 -8.13 -41.29 4.83
CA HIS C 267 -7.29 -41.23 3.64
C HIS C 267 -7.74 -40.15 2.63
N LEU C 268 -8.83 -39.44 2.95
CA LEU C 268 -9.44 -38.49 2.02
C LEU C 268 -9.31 -37.02 2.46
N ARG C 269 -8.76 -36.23 1.56
CA ARG C 269 -8.76 -34.78 1.65
C ARG C 269 -9.98 -34.30 0.85
N VAL C 270 -11.01 -33.82 1.56
CA VAL C 270 -12.27 -33.41 0.98
C VAL C 270 -12.44 -31.89 1.09
N TYR C 271 -12.74 -31.24 -0.03
CA TYR C 271 -12.65 -29.78 -0.09
C TYR C 271 -13.33 -29.13 -1.29
N LEU C 272 -13.65 -27.84 -1.13
CA LEU C 272 -14.18 -27.00 -2.20
C LEU C 272 -13.14 -25.99 -2.61
N HIS C 273 -13.17 -25.59 -3.87
CA HIS C 273 -12.37 -24.47 -4.37
C HIS C 273 -13.14 -23.16 -4.22
N TYR C 274 -12.45 -22.08 -3.80
CA TYR C 274 -13.04 -20.74 -3.92
C TYR C 274 -12.23 -19.87 -4.86
N LEU C 275 -13.02 -19.09 -5.59
CA LEU C 275 -13.05 -19.09 -7.03
C LEU C 275 -12.94 -20.51 -7.59
N PRO C 276 -14.10 -21.08 -7.90
CA PRO C 276 -14.15 -22.33 -8.68
C PRO C 276 -14.09 -22.04 -10.16
N SER C 277 -13.63 -23.01 -10.95
CA SER C 277 -13.64 -22.91 -12.40
C SER C 277 -15.06 -22.72 -12.92
N TYR C 278 -16.03 -23.39 -12.34
CA TYR C 278 -17.43 -23.14 -12.70
C TYR C 278 -18.34 -22.99 -11.49
N TYR C 279 -19.45 -22.31 -11.70
CA TYR C 279 -20.24 -21.78 -10.60
C TYR C 279 -21.49 -22.60 -10.35
N HIS C 280 -21.25 -23.81 -9.85
CA HIS C 280 -22.27 -24.74 -9.41
C HIS C 280 -21.57 -25.64 -8.40
N LEU C 281 -22.02 -25.57 -7.15
CA LEU C 281 -21.31 -26.16 -6.01
C LEU C 281 -20.85 -27.55 -6.36
N HIS C 282 -19.57 -27.81 -6.12
CA HIS C 282 -19.05 -29.15 -6.20
C HIS C 282 -17.87 -29.33 -5.25
N VAL C 283 -17.70 -30.55 -4.75
CA VAL C 283 -16.68 -30.88 -3.76
C VAL C 283 -15.71 -31.95 -4.27
N HIS C 284 -14.43 -31.71 -4.06
CA HIS C 284 -13.38 -32.63 -4.47
C HIS C 284 -13.10 -33.67 -3.38
N PHE C 285 -12.87 -34.92 -3.79
CA PHE C 285 -12.47 -36.01 -2.90
C PHE C 285 -11.15 -36.57 -3.41
N THR C 286 -10.04 -36.31 -2.73
CA THR C 286 -8.74 -36.80 -3.20
C THR C 286 -8.00 -37.64 -2.17
N ALA C 287 -7.18 -38.57 -2.65
CA ALA C 287 -6.34 -39.40 -1.78
C ALA C 287 -5.34 -38.52 -1.10
N LEU C 288 -5.03 -38.84 0.14
CA LEU C 288 -4.22 -37.98 0.99
C LEU C 288 -2.79 -38.01 0.50
N GLY C 289 -2.32 -39.20 0.12
CA GLY C 289 -0.99 -39.36 -0.42
C GLY C 289 -0.77 -38.51 -1.67
N PHE C 290 -1.83 -38.30 -2.43
CA PHE C 290 -1.77 -37.55 -3.68
C PHE C 290 -1.66 -36.06 -3.41
N GLU C 291 -0.47 -35.50 -3.61
CA GLU C 291 -0.31 -34.04 -3.58
C GLU C 291 -0.78 -33.52 -4.94
N ALA C 292 -2.08 -33.20 -4.99
CA ALA C 292 -2.80 -32.94 -6.24
C ALA C 292 -2.80 -31.45 -6.60
N PRO C 293 -3.18 -31.09 -7.82
CA PRO C 293 -3.29 -29.68 -8.20
C PRO C 293 -4.50 -29.03 -7.53
N GLY C 294 -4.33 -27.81 -7.05
CA GLY C 294 -5.43 -27.08 -6.42
C GLY C 294 -5.86 -27.62 -5.06
N SER C 295 -4.97 -28.32 -4.36
CA SER C 295 -5.19 -28.63 -2.97
C SER C 295 -4.55 -27.57 -2.08
N GLY C 296 -3.83 -26.63 -2.68
CA GLY C 296 -3.16 -25.56 -1.95
C GLY C 296 -4.12 -24.64 -1.20
N VAL C 297 -3.64 -24.08 -0.10
CA VAL C 297 -4.46 -23.30 0.82
C VAL C 297 -5.08 -22.02 0.22
N GLU C 298 -4.44 -21.45 -0.80
CA GLU C 298 -4.98 -20.27 -1.50
C GLU C 298 -6.28 -20.57 -2.26
N ARG C 299 -6.65 -21.85 -2.36
CA ARG C 299 -7.78 -22.29 -3.18
C ARG C 299 -8.69 -23.35 -2.51
N ALA C 300 -8.13 -24.25 -1.70
CA ALA C 300 -8.91 -25.35 -1.13
C ALA C 300 -9.41 -25.03 0.26
N HIS C 301 -10.67 -25.38 0.52
CA HIS C 301 -11.30 -25.20 1.82
C HIS C 301 -11.92 -26.54 2.22
N LEU C 302 -11.48 -27.10 3.35
CA LEU C 302 -11.98 -28.39 3.79
C LEU C 302 -13.46 -28.29 4.09
N LEU C 303 -14.24 -29.18 3.47
CA LEU C 303 -15.68 -29.32 3.72
C LEU C 303 -16.05 -29.46 5.19
N ALA C 304 -15.21 -30.14 5.98
CA ALA C 304 -15.50 -30.36 7.39
C ALA C 304 -15.45 -29.04 8.18
N GLU C 305 -14.53 -28.14 7.80
CA GLU C 305 -14.43 -26.81 8.40
C GLU C 305 -15.50 -25.88 7.89
N VAL C 306 -15.94 -26.08 6.65
CA VAL C 306 -16.97 -25.24 6.06
C VAL C 306 -18.24 -25.50 6.85
N ILE C 307 -18.49 -26.77 7.13
CA ILE C 307 -19.66 -27.14 7.93
C ILE C 307 -19.55 -26.58 9.35
N GLU C 308 -18.38 -26.65 9.96
CA GLU C 308 -18.22 -26.20 11.33
C GLU C 308 -18.30 -24.67 11.42
N ASN C 309 -17.70 -23.99 10.45
CA ASN C 309 -17.80 -22.54 10.33
C ASN C 309 -19.25 -22.08 10.26
N LEU C 310 -20.05 -22.81 9.50
CA LEU C 310 -21.46 -22.50 9.34
C LEU C 310 -22.23 -22.72 10.64
N GLU C 311 -21.87 -23.77 11.39
CA GLU C 311 -22.49 -24.04 12.69
C GLU C 311 -22.07 -23.00 13.75
N CYS C 312 -20.85 -22.46 13.67
CA CYS C 312 -20.34 -21.52 14.67
C CYS C 312 -20.69 -20.07 14.37
N ASP C 313 -21.03 -19.80 13.12
CA ASP C 313 -21.01 -18.44 12.59
C ASP C 313 -21.77 -18.50 11.27
N PRO C 314 -23.11 -18.51 11.34
CA PRO C 314 -23.98 -18.73 10.18
C PRO C 314 -23.70 -17.83 8.96
N ARG C 315 -23.22 -16.62 9.21
CA ARG C 315 -23.01 -15.67 8.12
C ARG C 315 -21.53 -15.62 7.72
N HIS C 316 -20.77 -16.63 8.16
CA HIS C 316 -19.33 -16.66 7.95
C HIS C 316 -18.97 -16.29 6.51
N TYR C 317 -19.50 -17.02 5.54
CA TYR C 317 -19.09 -16.89 4.13
C TYR C 317 -19.70 -15.71 3.37
N GLN C 318 -20.63 -14.98 3.97
CA GLN C 318 -21.07 -13.70 3.41
C GLN C 318 -20.26 -12.55 3.96
N GLN C 319 -19.82 -12.65 5.21
CA GLN C 319 -19.16 -11.55 5.92
C GLN C 319 -17.63 -11.56 5.79
N ARG C 320 -17.04 -12.73 5.83
CA ARG C 320 -15.60 -12.89 6.01
C ARG C 320 -14.85 -12.70 4.72
N THR C 321 -13.56 -12.43 4.85
CA THR C 321 -12.71 -12.18 3.71
C THR C 321 -12.16 -13.52 3.28
N LEU C 322 -12.21 -13.78 1.98
CA LEU C 322 -11.68 -15.00 1.42
C LEU C 322 -10.46 -14.65 0.56
N THR C 323 -9.46 -15.53 0.60
CA THR C 323 -8.20 -15.34 -0.08
C THR C 323 -8.12 -16.35 -1.22
N PHE C 324 -7.93 -15.87 -2.44
CA PHE C 324 -7.77 -16.73 -3.61
C PHE C 324 -6.78 -16.15 -4.62
N ALA C 325 -6.49 -16.89 -5.69
CA ALA C 325 -5.52 -16.48 -6.68
C ALA C 325 -6.20 -16.31 -8.02
N LEU C 326 -5.73 -15.35 -8.81
CA LEU C 326 -6.31 -15.03 -10.11
C LEU C 326 -5.20 -14.88 -11.13
N ARG C 327 -5.47 -15.33 -12.35
CA ARG C 327 -4.54 -15.10 -13.46
C ARG C 327 -4.39 -13.60 -13.57
N ALA C 328 -3.18 -13.14 -13.92
CA ALA C 328 -2.87 -11.70 -13.96
C ALA C 328 -3.68 -10.92 -14.99
N ASP C 329 -4.19 -11.62 -16.00
CA ASP C 329 -4.96 -11.01 -17.09
C ASP C 329 -6.47 -11.20 -16.96
N ASP C 330 -6.92 -11.63 -15.77
CA ASP C 330 -8.34 -11.84 -15.50
C ASP C 330 -8.95 -10.47 -15.22
N PRO C 331 -9.95 -10.06 -16.00
CA PRO C 331 -10.61 -8.77 -15.76
C PRO C 331 -11.06 -8.56 -14.30
N LEU C 332 -11.54 -9.63 -13.64
CA LEU C 332 -11.94 -9.56 -12.24
C LEU C 332 -10.82 -9.14 -11.30
N LEU C 333 -9.60 -9.57 -11.61
CA LEU C 333 -8.45 -9.09 -10.86
C LEU C 333 -8.35 -7.56 -10.85
N LYS C 334 -8.51 -6.96 -12.02
CA LYS C 334 -8.40 -5.51 -12.19
C LYS C 334 -9.53 -4.77 -11.46
N LEU C 335 -10.75 -5.28 -11.57
CA LEU C 335 -11.90 -4.69 -10.92
C LEU C 335 -11.72 -4.64 -9.40
N LEU C 336 -11.24 -5.74 -8.84
CA LEU C 336 -10.99 -5.85 -7.41
C LEU C 336 -9.86 -4.93 -6.95
N GLN C 337 -8.75 -4.95 -7.67
CA GLN C 337 -7.61 -4.10 -7.35
C GLN C 337 -7.99 -2.63 -7.35
N GLU C 338 -8.68 -2.20 -8.40
CA GLU C 338 -9.06 -0.81 -8.58
C GLU C 338 -10.09 -0.35 -7.55
N ALA C 339 -10.93 -1.27 -7.08
CA ALA C 339 -11.95 -0.97 -6.07
C ALA C 339 -11.36 -0.87 -4.67
N GLN C 340 -10.22 -1.53 -4.47
CA GLN C 340 -9.60 -1.64 -3.14
C GLN C 340 -8.58 -0.54 -2.90
N GLN C 341 -8.10 0.09 -3.97
CA GLN C 341 -6.97 0.99 -3.85
C GLN C 341 -7.41 2.43 -4.02
N ALA D 43 35.64 -21.60 -3.48
CA ALA D 43 36.46 -22.50 -2.63
C ALA D 43 35.69 -23.79 -2.24
N PRO D 44 35.61 -24.77 -3.15
CA PRO D 44 34.88 -26.03 -2.88
C PRO D 44 35.25 -26.80 -1.58
N VAL D 45 34.21 -27.32 -0.91
CA VAL D 45 34.35 -28.07 0.34
C VAL D 45 33.93 -29.54 0.20
N ARG D 46 34.07 -30.27 1.30
CA ARG D 46 33.68 -31.68 1.40
C ARG D 46 32.47 -31.86 2.33
N LEU D 47 31.89 -33.06 2.32
CA LEU D 47 30.82 -33.41 3.25
C LEU D 47 31.36 -33.44 4.70
N PRO D 48 30.48 -33.22 5.69
CA PRO D 48 30.89 -33.19 7.09
C PRO D 48 31.08 -34.59 7.72
N PHE D 49 31.37 -35.58 6.88
CA PHE D 49 31.69 -36.93 7.33
C PHE D 49 32.47 -37.70 6.25
N SER D 50 32.64 -39.01 6.45
CA SER D 50 33.24 -39.89 5.46
C SER D 50 32.47 -41.19 5.31
N GLY D 51 32.75 -41.94 4.24
CA GLY D 51 32.30 -43.31 4.11
C GLY D 51 30.80 -43.52 4.10
N PHE D 52 30.10 -42.72 3.30
CA PHE D 52 28.66 -42.86 3.19
C PHE D 52 28.31 -44.25 2.67
N ARG D 53 27.51 -44.97 3.45
CA ARG D 53 27.08 -46.32 3.09
C ARG D 53 25.56 -46.37 3.14
N LEU D 54 24.95 -46.52 1.97
CA LEU D 54 23.50 -46.52 1.83
C LEU D 54 22.85 -47.62 2.65
N GLN D 55 21.86 -47.24 3.45
CA GLN D 55 21.07 -48.18 4.26
C GLN D 55 19.66 -48.34 3.69
N LYS D 56 18.93 -47.23 3.59
CA LYS D 56 17.57 -47.24 3.06
C LYS D 56 17.32 -45.98 2.26
N VAL D 57 16.68 -46.12 1.10
CA VAL D 57 16.14 -44.95 0.40
C VAL D 57 14.85 -44.56 1.12
N LEU D 58 14.94 -43.54 1.97
CA LEU D 58 13.81 -43.09 2.80
C LEU D 58 12.62 -42.70 1.93
N ARG D 59 12.87 -41.79 0.99
CA ARG D 59 11.83 -41.29 0.08
C ARG D 59 12.45 -41.08 -1.31
N GLU D 60 11.66 -41.25 -2.35
CA GLU D 60 12.14 -41.06 -3.72
C GLU D 60 10.97 -40.69 -4.62
N SER D 61 11.09 -39.57 -5.35
CA SER D 61 10.00 -39.11 -6.21
C SER D 61 10.49 -38.70 -7.59
N ALA D 62 9.98 -39.39 -8.61
CA ALA D 62 10.21 -39.01 -10.01
C ALA D 62 9.48 -37.70 -10.32
N ARG D 63 8.31 -37.54 -9.73
CA ARG D 63 7.45 -36.38 -9.98
C ARG D 63 8.23 -35.08 -9.79
N ASP D 64 8.96 -34.95 -8.69
CA ASP D 64 9.69 -33.70 -8.41
C ASP D 64 11.20 -33.89 -8.22
N LYS D 65 11.71 -35.00 -8.73
CA LYS D 65 13.15 -35.18 -8.92
C LYS D 65 13.95 -34.97 -7.64
N ILE D 66 13.55 -35.71 -6.60
CA ILE D 66 14.15 -35.58 -5.27
C ILE D 66 14.35 -36.96 -4.65
N ILE D 67 15.37 -37.08 -3.81
CA ILE D 67 15.69 -38.34 -3.15
C ILE D 67 16.27 -38.08 -1.77
N PHE D 68 15.78 -38.83 -0.79
CA PHE D 68 16.23 -38.76 0.59
C PHE D 68 16.92 -40.06 0.90
N LEU D 69 18.12 -40.00 1.46
CA LEU D 69 18.92 -41.18 1.71
C LEU D 69 19.37 -41.24 3.17
N HIS D 70 19.20 -42.41 3.77
CA HIS D 70 19.75 -42.70 5.08
C HIS D 70 20.99 -43.54 4.85
N GLY D 71 22.14 -43.04 5.29
CA GLY D 71 23.36 -43.81 5.27
C GLY D 71 24.05 -43.81 6.61
N LYS D 72 24.94 -44.79 6.80
CA LYS D 72 25.85 -44.79 7.93
C LYS D 72 27.14 -44.10 7.50
N VAL D 73 27.77 -43.40 8.44
CA VAL D 73 28.97 -42.62 8.18
C VAL D 73 29.98 -42.84 9.31
N ASN D 74 31.23 -42.44 9.06
CA ASN D 74 32.31 -42.47 10.06
C ASN D 74 32.57 -43.86 10.70
N GLU D 75 32.23 -44.95 10.03
CA GLU D 75 32.23 -46.28 10.65
C GLU D 75 33.64 -46.80 11.02
N GLY D 80 33.77 -48.81 15.83
CA GLY D 80 33.35 -48.26 14.56
C GLY D 80 31.89 -48.55 14.22
N ASP D 81 30.99 -48.26 15.16
CA ASP D 81 29.55 -48.45 14.95
C ASP D 81 28.99 -47.44 13.95
N GLY D 82 29.63 -46.27 13.85
CA GLY D 82 29.22 -45.23 12.93
C GLY D 82 27.97 -44.50 13.39
N GLU D 83 27.73 -43.32 12.80
CA GLU D 83 26.57 -42.52 13.12
C GLU D 83 25.59 -42.54 11.95
N ASP D 84 24.38 -42.04 12.20
CA ASP D 84 23.38 -41.92 11.15
C ASP D 84 23.50 -40.59 10.44
N ALA D 85 23.17 -40.57 9.15
CA ALA D 85 23.10 -39.33 8.39
C ALA D 85 22.06 -39.40 7.28
N VAL D 86 21.52 -38.24 6.94
CA VAL D 86 20.53 -38.12 5.88
C VAL D 86 21.06 -37.15 4.82
N VAL D 87 21.18 -37.63 3.58
CA VAL D 87 21.56 -36.80 2.44
C VAL D 87 20.38 -36.67 1.48
N ILE D 88 19.93 -35.44 1.24
CA ILE D 88 18.84 -35.17 0.29
C ILE D 88 19.46 -34.58 -0.95
N LEU D 89 19.05 -35.06 -2.12
CA LEU D 89 19.47 -34.50 -3.39
C LEU D 89 18.22 -34.13 -4.17
N GLU D 90 18.21 -32.91 -4.69
CA GLU D 90 17.07 -32.44 -5.48
C GLU D 90 17.57 -31.70 -6.73
N LYS D 91 17.04 -32.08 -7.88
CA LYS D 91 17.30 -31.34 -9.12
C LYS D 91 16.73 -29.93 -8.92
N THR D 92 17.27 -28.95 -9.63
CA THR D 92 16.89 -27.56 -9.42
C THR D 92 16.07 -27.06 -10.59
N PRO D 93 15.25 -26.04 -10.35
CA PRO D 93 14.44 -25.42 -11.41
C PRO D 93 15.30 -24.86 -12.53
N PHE D 94 14.67 -24.57 -13.67
CA PHE D 94 15.40 -24.02 -14.81
C PHE D 94 15.53 -22.52 -14.69
N GLN D 95 16.73 -22.02 -15.01
CA GLN D 95 16.98 -20.59 -15.08
C GLN D 95 16.68 -20.16 -16.52
N VAL D 96 15.68 -19.30 -16.68
CA VAL D 96 15.19 -18.90 -18.00
C VAL D 96 16.31 -18.39 -18.91
N GLU D 97 17.23 -17.62 -18.34
CA GLU D 97 18.30 -16.95 -19.11
C GLU D 97 19.34 -17.94 -19.63
N GLN D 98 19.64 -18.96 -18.83
CA GLN D 98 20.60 -19.99 -19.21
C GLN D 98 20.05 -20.92 -20.29
N VAL D 99 18.78 -21.23 -20.19
CA VAL D 99 18.14 -22.17 -21.09
C VAL D 99 18.00 -21.55 -22.47
N ALA D 100 17.75 -20.23 -22.49
CA ALA D 100 17.58 -19.49 -23.73
C ALA D 100 18.90 -19.38 -24.49
N GLN D 101 19.98 -19.13 -23.77
CA GLN D 101 21.32 -19.05 -24.35
C GLN D 101 21.76 -20.41 -24.90
N LEU D 102 21.39 -21.48 -24.22
CA LEU D 102 21.75 -22.84 -24.65
C LEU D 102 21.13 -23.20 -26.01
N LEU D 103 19.92 -22.69 -26.27
CA LEU D 103 19.25 -22.85 -27.56
C LEU D 103 19.44 -21.60 -28.42
N PRO D 107 23.39 -26.89 -30.64
CA PRO D 107 23.20 -27.60 -29.38
C PRO D 107 23.21 -29.12 -29.55
N GLU D 108 23.75 -29.85 -28.57
CA GLU D 108 23.91 -31.31 -28.68
C GLU D 108 22.73 -32.06 -28.04
N LEU D 109 22.05 -32.87 -28.86
CA LEU D 109 20.88 -33.65 -28.42
C LEU D 109 20.93 -35.08 -28.94
N GLN D 110 20.36 -36.02 -28.19
CA GLN D 110 20.25 -37.42 -28.59
C GLN D 110 18.78 -37.77 -28.75
N LEU D 111 18.34 -38.03 -29.97
CA LEU D 111 16.92 -38.30 -30.24
C LEU D 111 16.47 -39.61 -29.59
N GLN D 112 15.19 -39.65 -29.21
CA GLN D 112 14.62 -40.79 -28.48
C GLN D 112 13.26 -41.23 -29.07
N PHE D 113 12.26 -40.33 -29.02
CA PHE D 113 10.91 -40.61 -29.55
C PHE D 113 10.45 -39.55 -30.56
N SER D 114 9.41 -39.89 -31.32
CA SER D 114 8.78 -38.96 -32.26
C SER D 114 7.37 -39.42 -32.62
N ASP D 116 5.26 -37.17 -35.10
CA ASP D 116 5.04 -36.33 -36.27
C ASP D 116 5.35 -34.87 -35.94
N ILE D 117 4.49 -34.25 -35.13
CA ILE D 117 4.70 -32.87 -34.68
C ILE D 117 5.57 -32.88 -33.42
N TYR D 118 5.42 -33.94 -32.61
CA TYR D 118 6.11 -34.08 -31.33
C TYR D 118 7.44 -34.83 -31.48
N SER D 119 8.43 -34.47 -30.67
CA SER D 119 9.78 -35.06 -30.73
C SER D 119 10.58 -34.83 -29.45
N THR D 120 10.95 -35.92 -28.78
CA THR D 120 11.67 -35.88 -27.49
C THR D 120 13.14 -36.32 -27.64
N TYR D 121 14.05 -35.64 -26.93
CA TYR D 121 15.49 -35.94 -26.96
C TYR D 121 16.08 -36.04 -25.54
N HIS D 122 17.36 -36.42 -25.48
CA HIS D 122 18.16 -36.32 -24.27
C HIS D 122 19.11 -35.14 -24.43
N LEU D 123 19.16 -34.25 -23.44
CA LEU D 123 20.05 -33.09 -23.48
C LEU D 123 20.99 -33.14 -22.29
N PHE D 124 22.29 -33.23 -22.54
CA PHE D 124 23.31 -33.12 -21.49
C PHE D 124 23.93 -31.72 -21.53
N PRO D 125 23.51 -30.84 -20.62
CA PRO D 125 23.96 -29.44 -20.65
C PRO D 125 25.27 -29.23 -19.89
N PRO D 126 25.94 -28.09 -20.12
CA PRO D 126 27.17 -27.78 -19.40
C PRO D 126 26.93 -27.46 -17.91
N ARG D 127 28.00 -27.58 -17.13
CA ARG D 127 28.01 -27.37 -15.67
C ARG D 127 26.89 -26.48 -15.11
N GLN D 128 26.74 -25.26 -15.62
CA GLN D 128 25.89 -24.24 -15.00
C GLN D 128 24.42 -24.64 -14.76
N LEU D 129 23.85 -25.43 -15.67
CA LEU D 129 22.43 -25.83 -15.56
C LEU D 129 22.22 -27.15 -14.81
N ASN D 130 23.28 -27.70 -14.22
CA ASN D 130 23.23 -29.01 -13.60
C ASN D 130 23.28 -29.02 -12.07
N ASP D 131 23.25 -27.82 -11.47
CA ASP D 131 23.27 -27.64 -10.02
C ASP D 131 22.26 -28.57 -9.32
N VAL D 132 22.74 -29.28 -8.29
CA VAL D 132 21.90 -30.20 -7.51
C VAL D 132 21.89 -29.77 -6.04
N LYS D 133 20.73 -29.30 -5.59
CA LYS D 133 20.52 -28.96 -4.20
C LYS D 133 20.81 -30.20 -3.35
N THR D 134 21.77 -30.06 -2.43
CA THR D 134 22.24 -31.15 -1.61
C THR D 134 22.15 -30.76 -0.14
N THR D 135 21.23 -31.40 0.60
CA THR D 135 20.99 -31.11 2.01
C THR D 135 21.45 -32.25 2.89
N VAL D 136 22.36 -31.98 3.82
CA VAL D 136 22.85 -32.96 4.78
C VAL D 136 22.29 -32.70 6.18
N VAL D 137 21.88 -33.78 6.86
CA VAL D 137 21.48 -33.77 8.25
C VAL D 137 22.36 -34.80 8.98
N TYR D 138 23.27 -34.31 9.83
CA TYR D 138 24.25 -35.17 10.47
C TYR D 138 24.72 -34.56 11.79
N PRO D 139 24.70 -35.31 12.90
CA PRO D 139 24.08 -36.64 13.00
C PRO D 139 22.55 -36.56 12.98
N ALA D 140 21.91 -37.41 12.19
CA ALA D 140 20.46 -37.49 12.12
C ALA D 140 19.92 -38.35 13.27
N THR D 141 18.93 -37.82 13.99
CA THR D 141 18.27 -38.56 15.08
C THR D 141 17.28 -39.55 14.49
N GLU D 142 16.72 -40.42 15.34
CA GLU D 142 15.70 -41.36 14.90
C GLU D 142 14.47 -40.63 14.36
N LYS D 143 14.16 -39.47 14.94
CA LYS D 143 13.01 -38.69 14.50
C LYS D 143 13.21 -38.08 13.11
N HIS D 144 14.45 -37.82 12.70
CA HIS D 144 14.73 -37.37 11.34
C HIS D 144 14.50 -38.48 10.33
N LEU D 145 14.95 -39.68 10.68
CA LEU D 145 14.78 -40.85 9.81
C LEU D 145 13.31 -41.13 9.57
N GLN D 146 12.49 -40.91 10.59
CA GLN D 146 11.06 -41.20 10.53
C GLN D 146 10.31 -40.19 9.70
N LYS D 147 10.63 -38.91 9.87
CA LYS D 147 9.89 -37.83 9.20
C LYS D 147 10.13 -37.77 7.68
N TYR D 148 11.31 -38.18 7.24
CA TYR D 148 11.65 -38.17 5.82
C TYR D 148 11.24 -39.46 5.08
N LEU D 149 10.92 -40.51 5.83
CA LEU D 149 10.51 -41.80 5.29
C LEU D 149 9.17 -41.64 4.55
N ARG D 150 9.07 -42.16 3.33
CA ARG D 150 7.79 -42.23 2.64
C ARG D 150 6.99 -43.36 3.27
N GLN D 151 5.76 -43.05 3.63
CA GLN D 151 4.91 -43.97 4.37
C GLN D 151 3.46 -43.51 4.39
N ASP D 152 2.60 -44.45 4.76
CA ASP D 152 1.18 -44.21 4.96
C ASP D 152 0.93 -42.96 5.81
N LEU D 153 0.02 -42.11 5.36
CA LEU D 153 -0.41 -40.90 6.08
C LEU D 153 -1.91 -40.96 6.40
N ARG D 154 -2.29 -40.54 7.60
CA ARG D 154 -3.70 -40.45 7.97
C ARG D 154 -4.05 -39.05 8.41
N LEU D 155 -5.30 -38.67 8.16
CA LEU D 155 -5.83 -37.39 8.58
C LEU D 155 -6.47 -37.55 9.95
N ILE D 156 -6.30 -36.53 10.77
CA ILE D 156 -6.93 -36.49 12.07
C ILE D 156 -7.54 -35.10 12.27
N ARG D 157 -8.80 -35.05 12.70
CA ARG D 157 -9.42 -33.80 13.11
C ARG D 157 -9.31 -33.69 14.63
N GLU D 158 -8.38 -32.84 15.08
CA GLU D 158 -8.01 -32.68 16.49
C GLU D 158 -8.85 -31.61 17.17
N THR D 159 -9.70 -31.99 18.14
CA THR D 159 -10.48 -30.99 18.85
C THR D 159 -9.60 -30.25 19.83
N GLY D 160 -10.10 -29.11 20.32
CA GLY D 160 -9.41 -28.34 21.32
C GLY D 160 -9.10 -29.20 22.53
N ASP D 161 -10.06 -30.02 22.96
CA ASP D 161 -9.84 -30.93 24.07
C ASP D 161 -8.82 -31.99 23.72
N ASP D 162 -8.89 -32.54 22.50
CA ASP D 162 -7.88 -33.49 22.04
C ASP D 162 -6.48 -32.88 22.19
N TYR D 163 -6.34 -31.60 21.86
CA TYR D 163 -5.05 -30.93 21.92
C TYR D 163 -4.55 -30.78 23.36
N ARG D 164 -5.45 -30.45 24.27
CA ARG D 164 -5.09 -30.29 25.68
C ARG D 164 -4.80 -31.63 26.37
N ASN D 165 -5.63 -32.65 26.11
CA ASN D 165 -5.50 -33.96 26.77
C ASN D 165 -4.43 -34.89 26.20
N ILE D 166 -4.13 -34.74 24.91
CA ILE D 166 -3.34 -35.74 24.16
C ILE D 166 -2.11 -35.13 23.47
N THR D 167 -2.33 -34.13 22.62
CA THR D 167 -1.25 -33.61 21.79
C THR D 167 -0.19 -32.83 22.56
N LEU D 168 -0.61 -31.87 23.38
CA LEU D 168 0.28 -31.02 24.17
C LEU D 168 1.15 -31.84 25.12
N PRO D 169 0.57 -32.68 25.98
CA PRO D 169 1.36 -33.51 26.89
C PRO D 169 2.39 -34.39 26.16
N HIS D 170 2.00 -34.93 25.00
CA HIS D 170 2.94 -35.64 24.11
C HIS D 170 4.04 -34.71 23.60
N LEU D 171 3.67 -33.50 23.20
CA LEU D 171 4.61 -32.48 22.72
C LEU D 171 5.68 -32.09 23.75
N GLU D 172 5.27 -32.01 25.01
CA GLU D 172 6.14 -31.56 26.09
C GLU D 172 7.13 -32.67 26.47
N SER D 173 6.76 -33.92 26.18
CA SER D 173 7.66 -35.06 26.42
C SER D 173 8.92 -34.97 25.55
N GLN D 174 8.74 -34.77 24.25
CA GLN D 174 9.88 -34.64 23.34
C GLN D 174 9.51 -34.12 21.95
N SER D 175 10.42 -33.32 21.38
CA SER D 175 10.29 -32.79 20.02
C SER D 175 11.67 -32.56 19.40
N LEU D 176 11.71 -32.41 18.08
CA LEU D 176 12.96 -32.16 17.37
C LEU D 176 13.63 -30.87 17.87
N SER D 177 14.90 -31.00 18.26
CA SER D 177 15.69 -29.88 18.74
C SER D 177 15.49 -28.64 17.87
N ILE D 178 15.36 -27.49 18.51
CA ILE D 178 15.30 -26.22 17.82
C ILE D 178 16.56 -25.39 18.05
N GLN D 179 17.71 -26.06 18.11
CA GLN D 179 18.99 -25.40 18.29
C GLN D 179 19.32 -24.47 17.09
N TRP D 180 18.88 -24.85 15.90
CA TRP D 180 19.09 -24.04 14.69
C TRP D 180 18.31 -22.74 14.75
N VAL D 181 17.13 -22.80 15.37
CA VAL D 181 16.29 -21.63 15.54
C VAL D 181 16.93 -20.66 16.52
N TYR D 182 17.50 -21.19 17.60
CA TYR D 182 18.21 -20.36 18.57
C TYR D 182 19.43 -19.74 17.93
N ASN D 183 20.08 -20.50 17.07
CA ASN D 183 21.29 -20.05 16.42
C ASN D 183 21.01 -18.89 15.46
N ILE D 184 19.86 -18.91 14.79
CA ILE D 184 19.46 -17.78 13.95
C ILE D 184 19.21 -16.56 14.84
N LEU D 185 18.48 -16.76 15.93
CA LEU D 185 17.99 -15.64 16.74
C LEU D 185 19.11 -14.96 17.52
N ASP D 186 20.16 -15.71 17.83
CA ASP D 186 21.31 -15.21 18.59
C ASP D 186 22.50 -14.85 17.69
N LYS D 187 22.30 -14.90 16.37
CA LYS D 187 23.33 -14.56 15.38
C LYS D 187 24.57 -15.47 15.42
N LYS D 188 24.39 -16.71 15.86
CA LYS D 188 25.48 -17.68 15.95
C LYS D 188 25.55 -18.58 14.71
N ALA D 189 24.51 -18.51 13.88
CA ALA D 189 24.52 -19.11 12.54
C ALA D 189 23.65 -18.30 11.57
N GLU D 190 24.06 -18.30 10.31
CA GLU D 190 23.29 -17.71 9.21
C GLU D 190 23.07 -16.21 9.34
N ALA D 191 23.96 -15.53 10.06
CA ALA D 191 23.78 -14.10 10.33
C ALA D 191 23.91 -13.24 9.07
N ASP D 192 24.79 -13.63 8.14
CA ASP D 192 24.95 -12.87 6.90
C ASP D 192 23.83 -13.17 5.90
N ARG D 193 22.83 -13.96 6.33
CA ARG D 193 21.69 -14.31 5.48
C ARG D 193 20.40 -13.59 5.89
N ILE D 194 20.39 -12.95 7.06
CA ILE D 194 19.20 -12.21 7.51
C ILE D 194 18.78 -11.24 6.42
N VAL D 195 17.54 -11.32 5.96
CA VAL D 195 16.99 -10.38 5.00
C VAL D 195 16.38 -9.16 5.71
N PHE D 196 15.80 -9.39 6.89
CA PHE D 196 15.25 -8.30 7.70
C PHE D 196 15.06 -8.73 9.15
N GLU D 197 15.46 -7.86 10.08
CA GLU D 197 15.18 -8.07 11.50
C GLU D 197 14.39 -6.92 12.16
N ASN D 198 13.34 -7.32 12.87
CA ASN D 198 12.74 -6.52 13.91
C ASN D 198 13.19 -7.11 15.25
N PRO D 199 14.08 -6.43 15.96
CA PRO D 199 14.67 -7.01 17.18
C PRO D 199 13.79 -6.94 18.43
N ASP D 200 12.57 -6.45 18.33
CA ASP D 200 11.68 -6.43 19.50
C ASP D 200 11.52 -7.84 20.09
N PRO D 201 11.87 -8.03 21.38
CA PRO D 201 11.72 -9.33 22.04
C PRO D 201 10.33 -9.98 21.91
N SER D 202 9.27 -9.18 21.99
CA SER D 202 7.91 -9.72 21.97
C SER D 202 7.27 -9.78 20.58
N ASP D 203 7.42 -8.71 19.80
CA ASP D 203 6.69 -8.55 18.55
C ASP D 203 7.56 -8.58 17.31
N GLY D 204 8.84 -8.93 17.50
CA GLY D 204 9.83 -8.87 16.43
C GLY D 204 10.13 -10.24 15.89
N PHE D 205 10.96 -10.30 14.85
CA PHE D 205 11.28 -11.56 14.20
C PHE D 205 12.56 -11.46 13.36
N VAL D 206 12.97 -12.59 12.78
CA VAL D 206 14.06 -12.64 11.83
C VAL D 206 13.57 -13.36 10.58
N LEU D 207 13.65 -12.69 9.44
CA LEU D 207 13.32 -13.28 8.15
C LEU D 207 14.60 -13.70 7.42
N ILE D 208 14.76 -15.02 7.18
CA ILE D 208 15.93 -15.57 6.46
C ILE D 208 15.43 -16.40 5.28
N PRO D 209 16.28 -16.60 4.29
CA PRO D 209 16.03 -17.64 3.30
C PRO D 209 15.82 -18.98 4.00
N ASP D 210 14.76 -19.67 3.61
CA ASP D 210 14.53 -21.01 4.09
C ASP D 210 15.65 -21.93 3.59
N LEU D 211 15.90 -22.99 4.35
CA LEU D 211 16.88 -24.00 4.01
C LEU D 211 16.62 -24.67 2.65
N LYS D 212 15.34 -24.81 2.28
CA LYS D 212 14.93 -25.48 1.04
C LYS D 212 15.29 -24.73 -0.24
N TRP D 213 15.53 -23.42 -0.10
CA TRP D 213 15.75 -22.54 -1.25
C TRP D 213 17.24 -22.39 -1.56
N ASN D 214 17.65 -22.68 -2.79
CA ASN D 214 19.05 -22.50 -3.18
C ASN D 214 19.39 -21.07 -3.64
N GLN D 215 18.42 -20.16 -3.53
CA GLN D 215 18.60 -18.72 -3.74
C GLN D 215 18.99 -18.32 -5.16
N GLN D 216 18.83 -19.22 -6.13
CA GLN D 216 19.31 -18.98 -7.48
C GLN D 216 18.27 -18.34 -8.40
N GLN D 217 17.00 -18.38 -8.00
CA GLN D 217 15.92 -17.84 -8.82
C GLN D 217 14.71 -17.50 -7.95
N LEU D 218 13.83 -16.65 -8.45
CA LEU D 218 12.67 -16.19 -7.67
C LEU D 218 11.46 -17.08 -7.82
N ASP D 219 11.49 -18.03 -8.75
CA ASP D 219 10.31 -18.87 -9.05
C ASP D 219 9.93 -19.72 -7.83
N ASP D 220 10.92 -20.12 -7.04
CA ASP D 220 10.69 -20.86 -5.80
C ASP D 220 11.21 -20.12 -4.54
N LEU D 221 11.07 -18.80 -4.54
CA LEU D 221 11.40 -18.01 -3.37
C LEU D 221 10.75 -18.62 -2.13
N TYR D 222 11.57 -18.87 -1.11
CA TYR D 222 11.11 -19.49 0.13
C TYR D 222 11.88 -18.86 1.28
N LEU D 223 11.18 -18.10 2.12
CA LEU D 223 11.77 -17.50 3.32
C LEU D 223 10.94 -17.90 4.52
N ILE D 224 11.57 -17.85 5.69
CA ILE D 224 10.86 -18.09 6.92
C ILE D 224 11.08 -16.91 7.88
N ALA D 225 10.03 -16.53 8.60
CA ALA D 225 10.12 -15.50 9.64
C ALA D 225 10.00 -16.20 10.99
N ILE D 226 11.03 -16.05 11.82
CA ILE D 226 11.11 -16.70 13.11
C ILE D 226 10.92 -15.60 14.13
N CYS D 227 9.88 -15.69 14.95
CA CYS D 227 9.69 -14.72 16.03
C CYS D 227 10.80 -14.81 17.09
N HIS D 228 11.13 -13.68 17.72
CA HIS D 228 12.11 -13.63 18.80
C HIS D 228 11.57 -14.21 20.10
N ARG D 229 10.30 -13.92 20.37
CA ARG D 229 9.65 -14.40 21.59
C ARG D 229 9.66 -15.92 21.61
N ARG D 230 10.09 -16.48 22.74
CA ARG D 230 10.11 -17.94 22.93
C ARG D 230 8.82 -18.45 23.56
N GLY D 231 8.53 -19.72 23.34
CA GLY D 231 7.41 -20.39 23.99
C GLY D 231 6.12 -20.39 23.20
N ILE D 232 6.17 -19.93 21.95
CA ILE D 232 5.04 -20.04 21.04
C ILE D 232 5.25 -21.28 20.18
N ARG D 233 4.79 -22.42 20.67
CA ARG D 233 5.05 -23.69 20.01
C ARG D 233 4.43 -23.80 18.63
N SER D 234 3.18 -23.33 18.51
CA SER D 234 2.46 -23.41 17.25
C SER D 234 1.21 -22.53 17.23
N LEU D 235 0.50 -22.62 16.11
CA LEU D 235 -0.88 -22.15 16.00
C LEU D 235 -1.71 -22.20 17.29
N ARG D 236 -1.67 -23.34 17.99
CA ARG D 236 -2.59 -23.54 19.13
C ARG D 236 -2.32 -22.62 20.31
N ASP D 237 -1.12 -22.07 20.39
CA ASP D 237 -0.78 -21.10 21.43
C ASP D 237 -1.20 -19.66 21.12
N LEU D 238 -1.73 -19.41 19.92
CA LEU D 238 -2.00 -18.06 19.49
C LEU D 238 -3.29 -17.50 20.09
N THR D 239 -3.18 -16.31 20.67
CA THR D 239 -4.29 -15.58 21.27
C THR D 239 -4.24 -14.15 20.72
N PRO D 240 -5.20 -13.31 21.10
CA PRO D 240 -5.19 -11.90 20.66
C PRO D 240 -3.94 -11.09 21.07
N GLU D 241 -3.25 -11.46 22.13
CA GLU D 241 -2.08 -10.70 22.52
C GLU D 241 -0.91 -10.91 21.54
N HIS D 242 -1.01 -11.97 20.73
CA HIS D 242 -0.05 -12.28 19.68
C HIS D 242 -0.32 -11.54 18.36
N LEU D 243 -1.35 -10.71 18.32
CA LEU D 243 -1.76 -10.04 17.08
C LEU D 243 -0.73 -9.03 16.59
N PRO D 244 -0.21 -8.16 17.46
CA PRO D 244 0.87 -7.25 17.05
C PRO D 244 2.10 -7.96 16.44
N LEU D 245 2.53 -9.06 17.03
CA LEU D 245 3.60 -9.88 16.44
C LEU D 245 3.21 -10.38 15.06
N LEU D 246 2.01 -10.94 14.92
CA LEU D 246 1.61 -11.63 13.69
C LEU D 246 1.45 -10.64 12.53
N ARG D 247 1.10 -9.40 12.87
CA ARG D 247 0.90 -8.36 11.87
C ARG D 247 2.24 -7.89 11.38
N ASN D 248 3.18 -7.73 12.31
CA ASN D 248 4.56 -7.42 11.98
C ASN D 248 5.12 -8.46 11.01
N ILE D 249 4.95 -9.74 11.29
CA ILE D 249 5.48 -10.76 10.40
C ILE D 249 4.83 -10.62 9.03
N LEU D 250 3.51 -10.48 9.01
CA LEU D 250 2.77 -10.27 7.78
C LEU D 250 3.27 -9.03 6.99
N HIS D 251 3.21 -7.86 7.61
CA HIS D 251 3.44 -6.60 6.91
C HIS D 251 4.92 -6.32 6.69
N GLN D 252 5.71 -6.31 7.76
CA GLN D 252 7.15 -6.13 7.63
C GLN D 252 7.80 -7.24 6.81
N GLY D 253 7.35 -8.47 7.00
CA GLY D 253 7.84 -9.59 6.21
C GLY D 253 7.67 -9.35 4.73
N GLN D 254 6.45 -9.00 4.33
CA GLN D 254 6.15 -8.80 2.91
C GLN D 254 6.96 -7.63 2.33
N GLU D 255 6.92 -6.49 3.02
CA GLU D 255 7.66 -5.28 2.62
C GLU D 255 9.19 -5.47 2.54
N ALA D 256 9.74 -6.36 3.37
CA ALA D 256 11.16 -6.70 3.31
C ALA D 256 11.45 -7.49 2.03
N ILE D 257 10.58 -8.41 1.69
CA ILE D 257 10.73 -9.16 0.43
C ILE D 257 10.50 -8.23 -0.77
N LEU D 258 9.70 -7.19 -0.59
CA LEU D 258 9.46 -6.22 -1.65
C LEU D 258 10.74 -5.40 -1.85
N GLN D 259 11.40 -5.06 -0.76
CA GLN D 259 12.65 -4.33 -0.83
C GLN D 259 13.75 -5.17 -1.46
N ARG D 260 13.95 -6.37 -0.92
CA ARG D 260 15.13 -7.18 -1.24
C ARG D 260 15.08 -7.82 -2.62
N TYR D 261 13.91 -8.35 -2.99
CA TYR D 261 13.74 -9.11 -4.23
C TYR D 261 12.79 -8.45 -5.23
N ARG D 262 12.22 -7.31 -4.87
CA ARG D 262 11.30 -6.57 -5.74
C ARG D 262 10.07 -7.38 -6.11
N MET D 263 9.66 -8.26 -5.20
CA MET D 263 8.51 -9.12 -5.42
C MET D 263 7.36 -8.62 -4.54
N LYS D 264 6.20 -8.39 -5.15
CA LYS D 264 5.08 -7.79 -4.43
C LYS D 264 4.35 -8.81 -3.55
N GLY D 265 3.58 -8.30 -2.60
CA GLY D 265 2.88 -9.12 -1.64
C GLY D 265 1.88 -10.06 -2.27
N ASP D 266 1.31 -9.64 -3.41
CA ASP D 266 0.36 -10.49 -4.12
C ASP D 266 1.04 -11.57 -5.00
N HIS D 267 2.37 -11.64 -4.94
CA HIS D 267 3.11 -12.78 -5.52
C HIS D 267 3.48 -13.79 -4.42
N LEU D 268 2.90 -13.65 -3.23
CA LEU D 268 3.36 -14.41 -2.06
C LEU D 268 2.29 -15.20 -1.37
N ARG D 269 2.64 -16.44 -1.01
CA ARG D 269 1.83 -17.27 -0.12
C ARG D 269 2.48 -17.21 1.25
N VAL D 270 1.80 -16.62 2.23
CA VAL D 270 2.33 -16.44 3.58
C VAL D 270 1.49 -17.27 4.55
N TYR D 271 2.12 -18.21 5.26
CA TYR D 271 1.39 -19.20 6.02
C TYR D 271 2.21 -19.92 7.09
N LEU D 272 1.49 -20.53 8.02
CA LEU D 272 2.05 -21.38 9.07
C LEU D 272 1.73 -22.84 8.76
N HIS D 273 2.59 -23.73 9.22
CA HIS D 273 2.32 -25.17 9.22
C HIS D 273 1.60 -25.52 10.52
N TYR D 274 0.56 -26.35 10.48
CA TYR D 274 0.05 -26.90 11.72
C TYR D 274 0.22 -28.40 11.79
N LEU D 275 0.68 -28.76 12.98
CA LEU D 275 1.73 -29.71 13.20
C LEU D 275 2.87 -29.16 12.37
N PRO D 276 3.61 -28.23 12.96
CA PRO D 276 4.89 -27.82 12.39
C PRO D 276 5.92 -28.86 12.80
N SER D 277 7.01 -28.94 12.07
CA SER D 277 8.09 -29.88 12.39
C SER D 277 8.92 -29.41 13.58
N TYR D 278 8.98 -28.10 13.80
CA TYR D 278 9.76 -27.49 14.88
C TYR D 278 8.86 -26.56 15.68
N TYR D 279 8.92 -26.67 17.00
CA TYR D 279 7.92 -26.03 17.85
C TYR D 279 8.38 -24.67 18.43
N HIS D 280 8.75 -23.75 17.54
CA HIS D 280 8.94 -22.34 17.86
C HIS D 280 8.45 -21.52 16.65
N LEU D 281 7.45 -20.65 16.89
CA LEU D 281 6.61 -20.11 15.82
C LEU D 281 7.39 -19.45 14.69
N HIS D 282 7.05 -19.84 13.48
CA HIS D 282 7.64 -19.24 12.31
C HIS D 282 6.70 -19.35 11.11
N VAL D 283 6.74 -18.32 10.27
CA VAL D 283 5.85 -18.17 9.13
C VAL D 283 6.62 -18.41 7.83
N HIS D 284 6.02 -19.19 6.94
CA HIS D 284 6.54 -19.48 5.60
C HIS D 284 6.12 -18.43 4.57
N PHE D 285 7.08 -17.94 3.79
CA PHE D 285 6.82 -17.06 2.65
C PHE D 285 7.32 -17.77 1.41
N THR D 286 6.42 -18.20 0.53
CA THR D 286 6.84 -18.79 -0.73
C THR D 286 6.33 -17.96 -1.90
N ALA D 287 6.92 -18.16 -3.08
CA ALA D 287 6.38 -17.56 -4.31
C ALA D 287 5.06 -18.25 -4.55
N LEU D 288 4.08 -17.50 -5.02
CA LEU D 288 2.71 -18.01 -5.15
C LEU D 288 2.61 -19.03 -6.28
N GLY D 289 3.39 -18.82 -7.33
CA GLY D 289 3.48 -19.77 -8.44
C GLY D 289 4.18 -21.06 -8.06
N PHE D 290 4.84 -21.07 -6.91
CA PHE D 290 5.54 -22.26 -6.42
C PHE D 290 4.61 -23.11 -5.56
N GLU D 291 4.20 -24.26 -6.09
CA GLU D 291 3.24 -25.12 -5.41
C GLU D 291 4.03 -25.96 -4.43
N ALA D 292 4.34 -25.39 -3.27
CA ALA D 292 5.33 -25.96 -2.39
C ALA D 292 4.79 -27.11 -1.53
N PRO D 293 5.64 -28.09 -1.24
CA PRO D 293 5.30 -29.08 -0.19
C PRO D 293 4.97 -28.38 1.12
N GLY D 294 3.93 -28.86 1.79
CA GLY D 294 3.47 -28.24 3.02
C GLY D 294 2.52 -27.08 2.82
N SER D 295 2.27 -26.67 1.58
CA SER D 295 1.32 -25.59 1.28
C SER D 295 -0.10 -26.11 1.02
N GLY D 296 -0.29 -27.42 1.08
CA GLY D 296 -1.62 -28.00 0.97
C GLY D 296 -2.53 -27.59 2.13
N VAL D 297 -3.82 -27.73 1.90
CA VAL D 297 -4.84 -27.28 2.84
C VAL D 297 -4.84 -28.05 4.17
N GLU D 298 -4.45 -29.32 4.12
CA GLU D 298 -4.38 -30.15 5.32
C GLU D 298 -3.20 -29.80 6.24
N ARG D 299 -2.38 -28.84 5.84
CA ARG D 299 -1.27 -28.38 6.67
C ARG D 299 -1.10 -26.88 6.80
N ALA D 300 -1.43 -26.10 5.78
CA ALA D 300 -1.06 -24.69 5.76
C ALA D 300 -2.21 -23.81 6.22
N HIS D 301 -1.89 -22.77 6.97
CA HIS D 301 -2.89 -21.80 7.41
C HIS D 301 -2.38 -20.39 7.11
N LEU D 302 -3.05 -19.71 6.16
CA LEU D 302 -2.66 -18.38 5.73
C LEU D 302 -2.63 -17.38 6.89
N LEU D 303 -1.47 -16.79 7.14
CA LEU D 303 -1.30 -15.85 8.25
C LEU D 303 -2.33 -14.72 8.28
N ALA D 304 -2.67 -14.17 7.12
CA ALA D 304 -3.64 -13.08 7.08
C ALA D 304 -4.97 -13.56 7.62
N GLU D 305 -5.35 -14.79 7.28
CA GLU D 305 -6.59 -15.38 7.77
C GLU D 305 -6.56 -15.82 9.23
N VAL D 306 -5.38 -16.17 9.73
CA VAL D 306 -5.18 -16.47 11.15
C VAL D 306 -5.41 -15.22 12.00
N ILE D 307 -4.90 -14.10 11.53
CA ILE D 307 -5.00 -12.83 12.22
C ILE D 307 -6.46 -12.44 12.32
N GLU D 308 -7.19 -12.57 11.21
CA GLU D 308 -8.60 -12.23 11.19
C GLU D 308 -9.49 -13.18 12.02
N ASN D 309 -9.11 -14.45 12.11
CA ASN D 309 -9.80 -15.36 13.00
C ASN D 309 -9.68 -14.86 14.45
N LEU D 310 -8.46 -14.51 14.87
CA LEU D 310 -8.21 -14.06 16.26
C LEU D 310 -8.98 -12.80 16.61
N GLU D 311 -9.21 -11.94 15.60
CA GLU D 311 -9.93 -10.67 15.78
C GLU D 311 -11.43 -10.92 15.93
N CYS D 312 -11.94 -11.86 15.15
CA CYS D 312 -13.35 -12.25 15.23
C CYS D 312 -13.65 -13.14 16.41
N ASP D 313 -12.65 -13.85 16.93
CA ASP D 313 -12.91 -14.99 17.79
C ASP D 313 -11.68 -15.31 18.63
N PRO D 314 -11.52 -14.62 19.76
CA PRO D 314 -10.28 -14.67 20.57
C PRO D 314 -9.78 -16.08 20.91
N ARG D 315 -10.70 -16.97 21.25
CA ARG D 315 -10.31 -18.32 21.64
C ARG D 315 -10.37 -19.31 20.47
N HIS D 316 -10.29 -18.80 19.24
CA HIS D 316 -10.40 -19.63 18.03
C HIS D 316 -9.47 -20.87 18.07
N TYR D 317 -8.17 -20.65 18.16
CA TYR D 317 -7.19 -21.72 18.09
C TYR D 317 -7.02 -22.57 19.35
N GLN D 318 -7.78 -22.28 20.42
CA GLN D 318 -7.88 -23.19 21.56
C GLN D 318 -9.16 -24.00 21.53
N GLN D 319 -10.20 -23.50 20.85
CA GLN D 319 -11.53 -24.13 20.90
C GLN D 319 -11.90 -24.94 19.66
N ARG D 320 -11.35 -24.56 18.51
CA ARG D 320 -11.74 -25.14 17.23
C ARG D 320 -10.96 -26.38 16.89
N THR D 321 -11.53 -27.17 15.99
CA THR D 321 -10.92 -28.40 15.53
C THR D 321 -9.99 -28.08 14.37
N LEU D 322 -8.71 -28.44 14.51
CA LEU D 322 -7.70 -28.30 13.46
C LEU D 322 -7.44 -29.64 12.77
N THR D 323 -7.26 -29.61 11.45
CA THR D 323 -7.13 -30.82 10.63
C THR D 323 -5.74 -30.93 10.03
N PHE D 324 -5.10 -32.07 10.24
CA PHE D 324 -3.74 -32.32 9.73
C PHE D 324 -3.44 -33.80 9.52
N ALA D 325 -2.35 -34.08 8.84
CA ALA D 325 -1.92 -35.45 8.59
C ALA D 325 -0.76 -35.82 9.49
N LEU D 326 -0.76 -37.06 9.97
CA LEU D 326 0.35 -37.65 10.69
C LEU D 326 0.82 -38.89 9.94
N ARG D 327 2.06 -39.28 10.19
CA ARG D 327 2.62 -40.52 9.67
C ARG D 327 2.07 -41.72 10.44
N ALA D 328 2.19 -42.89 9.82
CA ALA D 328 1.85 -44.16 10.45
C ALA D 328 2.81 -44.50 11.59
N ASP D 329 4.08 -44.13 11.43
CA ASP D 329 5.10 -44.36 12.48
C ASP D 329 5.25 -43.19 13.47
N ASP D 330 4.24 -42.33 13.52
CA ASP D 330 4.16 -41.26 14.53
C ASP D 330 3.34 -41.77 15.72
N PRO D 331 3.94 -41.84 16.92
CA PRO D 331 3.22 -42.27 18.12
C PRO D 331 1.98 -41.43 18.46
N LEU D 332 2.03 -40.14 18.14
CA LEU D 332 0.89 -39.24 18.37
C LEU D 332 -0.40 -39.71 17.70
N LEU D 333 -0.28 -40.26 16.48
CA LEU D 333 -1.43 -40.77 15.73
C LEU D 333 -2.20 -41.82 16.52
N LYS D 334 -1.48 -42.80 17.06
CA LYS D 334 -2.11 -43.85 17.86
C LYS D 334 -2.77 -43.29 19.12
N LEU D 335 -2.11 -42.33 19.79
CA LEU D 335 -2.63 -41.74 21.02
C LEU D 335 -3.93 -40.98 20.79
N LEU D 336 -4.03 -40.29 19.65
CA LEU D 336 -5.22 -39.53 19.29
C LEU D 336 -6.35 -40.45 18.83
N GLN D 337 -6.02 -41.49 18.06
CA GLN D 337 -7.01 -42.45 17.59
C GLN D 337 -7.65 -43.15 18.77
N GLU D 338 -6.85 -43.49 19.78
CA GLU D 338 -7.31 -44.12 21.02
C GLU D 338 -8.22 -43.17 21.80
N ALA D 339 -7.90 -41.88 21.78
CA ALA D 339 -8.69 -40.87 22.47
C ALA D 339 -10.04 -40.68 21.80
N GLN D 340 -10.07 -40.83 20.48
CA GLN D 340 -11.26 -40.51 19.67
C GLN D 340 -12.17 -41.73 19.49
N GLN D 341 -11.72 -42.91 19.90
CA GLN D 341 -12.59 -44.09 20.03
C GLN D 341 -12.55 -44.68 21.45
N SER D 342 -12.51 -43.77 22.45
CA SER D 342 -12.61 -44.12 23.87
C SER D 342 -12.73 -42.85 24.74
P PO4 E . 10.13 18.61 9.46
O1 PO4 E . 9.94 20.09 9.38
O2 PO4 E . 8.94 17.97 10.14
O3 PO4 E . 11.36 18.37 10.28
O4 PO4 E . 10.29 18.04 8.07
OP3 G7M F . 10.33 17.55 19.12
P G7M F . 9.65 18.19 17.82
OP1 G7M F . 10.55 19.40 17.34
OP2 G7M F . 8.18 18.70 18.19
O5' G7M F . 9.56 17.09 16.66
C5' G7M F . 9.78 17.44 15.29
C4' G7M F . 9.31 16.33 14.34
O4' G7M F . 10.18 15.22 14.48
C3' G7M F . 7.89 15.86 14.61
O3' G7M F . 7.12 15.97 13.42
C2' G7M F . 7.96 14.39 14.98
O2' G7M F . 7.12 13.60 14.15
C1' G7M F . 9.44 14.04 14.82
N9 G7M F . 9.98 13.43 16.05
C8 G7M F . 10.61 13.98 17.13
N7 G7M F . 10.95 13.04 18.05
CN7 G7M F . 11.65 13.29 19.35
C5 G7M F . 10.54 11.86 17.58
C6 G7M F . 10.53 10.43 17.93
O6 G7M F . 10.80 10.09 19.11
N1 G7M F . 9.97 9.54 17.08
C2 G7M F . 9.42 9.86 15.89
N2 G7M F . 8.88 8.90 15.09
N3 G7M F . 9.36 11.13 15.46
C4 G7M F . 9.93 12.15 16.30
P PO4 G . -12.99 31.58 -7.98
O1 PO4 G . -13.69 32.79 -8.55
O2 PO4 G . -13.38 31.44 -6.53
O3 PO4 G . -11.51 31.74 -8.10
O4 PO4 G . -13.41 30.34 -8.74
PA M7G H . -6.19 31.44 -9.94
O1A M7G H . -6.49 31.58 -11.49
O2A M7G H . -4.61 31.49 -9.85
O3A M7G H . -6.90 30.15 -9.16
O5' M7G H . -6.63 32.80 -9.21
PB M7G H . -8.17 29.98 -8.03
O1B M7G H . -7.87 30.78 -6.70
O2B M7G H . -8.54 28.52 -7.51
O3B M7G H . -9.55 30.45 -8.64
C5' M7G H . -7.83 33.53 -9.43
C4' M7G H . -8.05 34.40 -8.20
O4' M7G H . -8.74 35.59 -8.57
C3' M7G H . -8.87 33.71 -7.12
O3' M7G H . -8.09 33.72 -5.93
C2' M7G H . -10.13 34.51 -6.89
O2' M7G H . -10.38 34.82 -5.54
C1' M7G H . -9.91 35.74 -7.76
N9 M7G H . -11.07 36.18 -8.49
C8 M7G H . -11.92 35.35 -9.34
N7 M7G H . -12.88 36.34 -9.82
CM7 M7G H . -13.96 36.01 -10.72
C5 M7G H . -12.60 37.61 -9.33
C6 M7G H . -13.20 38.95 -9.47
O6 M7G H . -14.19 39.16 -10.17
N1 M7G H . -12.61 39.95 -8.80
C2 M7G H . -11.51 39.78 -8.03
N2 M7G H . -10.97 40.82 -7.37
N3 M7G H . -10.93 38.57 -7.86
C4 M7G H . -11.45 37.50 -8.49
P PO4 I . -12.98 -26.50 -9.40
O1 PO4 I . -14.15 -25.79 -10.02
O2 PO4 I . -13.35 -26.93 -8.00
O3 PO4 I . -11.83 -25.55 -9.38
O4 PO4 I . -12.59 -27.70 -10.23
OP3 G7M J . -11.55 -27.77 -18.48
P G7M J . -12.01 -27.11 -17.10
OP1 G7M J . -13.46 -26.47 -17.29
OP2 G7M J . -10.97 -25.98 -16.68
O5' G7M J . -12.06 -28.25 -15.95
C5' G7M J . -12.00 -27.94 -14.56
C4' G7M J . -12.51 -29.10 -13.70
O4' G7M J . -13.88 -29.34 -14.01
C3' G7M J . -11.73 -30.38 -13.95
O3' G7M J . -11.22 -30.84 -12.71
C2' G7M J . -12.73 -31.40 -14.49
O2' G7M J . -12.73 -32.60 -13.74
C1' G7M J . -14.08 -30.69 -14.44
N9 G7M J . -14.83 -30.78 -15.72
C8 G7M J . -14.96 -29.90 -16.75
N7 G7M J . -15.76 -30.39 -17.75
CN7 G7M J . -16.11 -29.71 -19.02
C5 G7M J . -16.17 -31.60 -17.36
C6 G7M J . -17.01 -32.74 -17.83
O6 G7M J . -17.34 -32.81 -19.03
N1 G7M J . -17.14 -33.83 -17.05
C2 G7M J . -16.55 -33.98 -15.83
N2 G7M J . -16.72 -35.10 -15.11
N3 G7M J . -15.76 -33.02 -15.31
C4 G7M J . -15.55 -31.81 -16.07
P PO4 K . 13.54 -29.80 7.42
O1 PO4 K . 12.43 -29.03 8.06
O2 PO4 K . 13.15 -31.25 7.40
O3 PO4 K . 14.82 -29.60 8.21
O4 PO4 K . 13.73 -29.29 6.01
PA M7G L . 7.90 -26.27 9.82
O1A M7G L . 8.39 -26.39 11.32
O2A M7G L . 6.61 -25.38 9.91
O3A M7G L . 7.73 -27.72 8.98
O5' M7G L . 8.96 -25.40 8.99
PB M7G L . 8.64 -28.48 7.77
O1B M7G L . 8.63 -27.67 6.41
O2B M7G L . 8.17 -29.94 7.35
O3B M7G L . 10.13 -28.75 8.23
C5' M7G L . 10.36 -25.35 9.22
C4' M7G L . 10.99 -24.70 8.00
O4' M7G L . 12.25 -24.15 8.33
C3' M7G L . 11.21 -25.69 6.86
O3' M7G L . 10.58 -25.15 5.70
C2' M7G L . 12.68 -25.78 6.61
O2' M7G L . 13.05 -25.66 5.25
C1' M7G L . 13.28 -24.68 7.49
N9 M7G L . 14.46 -25.07 8.22
C8 M7G L . 14.64 -26.30 8.99
N7 M7G L . 16.00 -26.13 9.49
CM7 M7G L . 16.67 -27.11 10.34
C5 M7G L . 16.55 -24.93 9.06
C6 M7G L . 17.84 -24.24 9.25
O6 M7G L . 18.76 -24.73 9.94
N1 M7G L . 17.96 -23.05 8.65
C2 M7G L . 16.98 -22.49 7.90
N2 M7G L . 17.16 -21.29 7.32
N3 M7G L . 15.78 -23.08 7.70
C4 M7G L . 15.57 -24.26 8.26
#